data_7H82
#
_entry.id   7H82
#
_cell.length_a   87.185
_cell.length_b   87.185
_cell.length_c   85.335
_cell.angle_alpha   90.00
_cell.angle_beta   90.00
_cell.angle_gamma   120.00
#
_symmetry.space_group_name_H-M   'P 31'
#
loop_
_entity.id
_entity.type
_entity.pdbx_description
1 polymer 'Non-structural protein 3'
2 non-polymer 'DIMETHYL SULFOXIDE'
3 non-polymer 2-AMINO-2-HYDROXYMETHYL-PROPANE-1,3-DIOL
4 non-polymer 'CHLORIDE ION'
5 non-polymer pyridin-2-amine
6 water water
#
_entity_poly.entity_id   1
_entity_poly.type   'polypeptide(L)'
_entity_poly.pdbx_seq_one_letter_code
;GAMAPSYRVKRMDIAKNDEECVVNAANPRGLPGDGVCKAVYKKWPESFKNSATPVGTAKTVMCGTYPVIHAVGPNFSNYT
ESEGDRELAAAYREVAKEVTRLGVNSVAIPLLSTGVYSGGKDRLTQSLNHLFTAMDSTDADVVIYCRDKEWEKKISEAIQ
MRT
;
_entity_poly.pdbx_strand_id   A,B,C,D
#
loop_
_chem_comp.id
_chem_comp.type
_chem_comp.name
_chem_comp.formula
CL non-polymer 'CHLORIDE ION' 'Cl -1'
DMS non-polymer 'DIMETHYL SULFOXIDE' 'C2 H6 O S'
HVK non-polymer pyridin-2-amine 'C5 H6 N2'
TRS non-polymer 2-AMINO-2-HYDROXYMETHYL-PROPANE-1,3-DIOL 'C4 H12 N O3 1'
#
# COMPACT_ATOMS: atom_id res chain seq x y z
N GLY A 1 -23.40 7.54 0.29
CA GLY A 1 -23.56 8.06 1.70
C GLY A 1 -23.62 6.94 2.73
N ALA A 2 -23.41 7.26 4.00
CA ALA A 2 -23.61 6.30 5.11
C ALA A 2 -25.11 6.07 5.33
N MET A 3 -25.52 4.86 5.73
CA MET A 3 -26.97 4.53 5.88
C MET A 3 -27.63 5.41 6.95
N ALA A 4 -26.90 5.73 8.00
CA ALA A 4 -27.38 6.58 9.10
C ALA A 4 -26.23 7.48 9.54
N PRO A 5 -25.96 8.53 8.73
CA PRO A 5 -24.77 9.35 8.97
C PRO A 5 -24.61 9.74 10.45
N SER A 6 -23.42 9.57 11.00
CA SER A 6 -23.17 9.76 12.44
C SER A 6 -21.93 10.62 12.63
N TYR A 7 -21.78 11.12 13.86
CA TYR A 7 -20.53 11.65 14.40
C TYR A 7 -20.04 10.74 15.51
N ARG A 8 -18.74 10.50 15.53
CA ARG A 8 -18.07 9.76 16.60
C ARG A 8 -16.76 10.45 16.94
N VAL A 9 -16.21 10.13 18.10
CA VAL A 9 -14.91 10.69 18.48
C VAL A 9 -14.06 9.55 19.02
N LYS A 10 -12.79 9.54 18.62
CA LYS A 10 -11.81 8.57 19.14
C LYS A 10 -10.55 9.29 19.58
N ARG A 11 -10.00 8.83 20.67
CA ARG A 11 -8.74 9.36 21.23
C ARG A 11 -7.60 8.45 20.78
N MET A 12 -7.03 8.77 19.64
CA MET A 12 -5.94 7.98 19.06
C MET A 12 -5.36 8.77 17.88
N ASP A 13 -4.24 8.29 17.38
CA ASP A 13 -3.53 8.86 16.22
C ASP A 13 -4.40 8.74 14.97
N ILE A 14 -4.69 9.86 14.33
CA ILE A 14 -5.51 9.91 13.07
C ILE A 14 -4.80 9.15 11.95
N ALA A 15 -3.47 8.99 11.99
CA ALA A 15 -2.76 8.10 11.06
C ALA A 15 -3.16 6.62 11.15
N LYS A 16 -3.89 6.17 12.18
CA LYS A 16 -4.37 4.79 12.36
C LYS A 16 -5.90 4.75 12.10
N ASN A 17 -6.47 5.75 11.41
CA ASN A 17 -7.96 5.83 11.26
C ASN A 17 -8.51 4.65 10.46
N ASP A 18 -9.79 4.38 10.64
CA ASP A 18 -10.56 3.32 9.94
C ASP A 18 -11.59 3.92 9.02
N GLU A 19 -11.30 5.08 8.43
CA GLU A 19 -12.23 5.78 7.54
C GLU A 19 -11.69 5.78 6.09
N GLU A 20 -12.53 6.23 5.17
CA GLU A 20 -12.21 6.13 3.73
C GLU A 20 -11.34 7.30 3.26
N CYS A 21 -11.16 8.33 4.06
CA CYS A 21 -10.23 9.44 3.76
C CYS A 21 -9.90 10.15 5.06
N VAL A 22 -8.89 10.98 5.01
CA VAL A 22 -8.37 11.72 6.18
C VAL A 22 -8.28 13.19 5.86
N VAL A 23 -8.55 14.01 6.86
CA VAL A 23 -8.29 15.47 6.78
C VAL A 23 -7.02 15.71 7.55
N ASN A 24 -6.06 16.32 6.87
CA ASN A 24 -4.83 16.80 7.52
C ASN A 24 -5.03 18.22 8.03
N ALA A 25 -4.58 18.51 9.24
CA ALA A 25 -4.45 19.89 9.76
C ALA A 25 -3.15 20.46 9.20
N ALA A 26 -3.20 20.90 7.96
CA ALA A 26 -2.04 21.25 7.13
C ALA A 26 -1.56 22.67 7.44
N ASN A 27 -0.33 22.92 7.01
CA ASN A 27 0.15 24.31 6.89
C ASN A 27 0.01 24.75 5.44
N PRO A 28 0.01 26.06 5.19
CA PRO A 28 -0.22 26.54 3.83
C PRO A 28 0.83 26.17 2.77
N ARG A 29 2.00 25.76 3.22
CA ARG A 29 3.17 25.54 2.37
C ARG A 29 3.36 24.08 2.05
N GLY A 30 2.50 23.18 2.54
CA GLY A 30 2.69 21.76 2.23
C GLY A 30 3.91 21.19 2.92
N LEU A 31 4.35 21.79 4.03
CA LEU A 31 5.53 21.29 4.79
C LEU A 31 5.11 20.19 5.74
N PRO A 32 6.03 19.28 6.12
CA PRO A 32 5.74 18.20 7.05
C PRO A 32 5.15 18.66 8.37
N GLY A 33 5.55 19.84 8.85
CA GLY A 33 4.87 20.43 10.01
C GLY A 33 5.09 19.70 11.32
N ASP A 34 4.12 19.84 12.24
CA ASP A 34 4.15 19.30 13.62
C ASP A 34 2.80 18.64 13.93
N GLY A 35 2.73 17.84 14.99
CA GLY A 35 1.44 17.29 15.48
C GLY A 35 0.73 16.40 14.47
N VAL A 36 -0.57 16.63 14.22
CA VAL A 36 -1.35 15.82 13.22
C VAL A 36 -0.60 15.84 11.88
N CYS A 37 -0.12 17.01 11.47
CA CYS A 37 0.48 17.17 10.13
C CYS A 37 1.71 16.27 9.97
N LYS A 38 2.54 16.16 11.02
CA LYS A 38 3.76 15.31 10.95
C LYS A 38 3.36 13.82 10.93
N ALA A 39 2.32 13.43 11.65
CA ALA A 39 1.82 12.03 11.64
C ALA A 39 1.33 11.69 10.23
N VAL A 40 0.62 12.65 9.64
CA VAL A 40 0.06 12.48 8.27
C VAL A 40 1.22 12.41 7.28
N TYR A 41 2.26 13.23 7.48
CA TYR A 41 3.43 13.19 6.57
C TYR A 41 4.12 11.82 6.65
N LYS A 42 4.22 11.27 7.84
CA LYS A 42 4.90 9.95 8.03
C LYS A 42 4.06 8.83 7.39
N LYS A 43 2.74 8.93 7.45
CA LYS A 43 1.86 7.83 7.00
C LYS A 43 1.59 7.93 5.50
N TRP A 44 1.45 9.14 4.97
CA TRP A 44 1.03 9.41 3.59
C TRP A 44 1.93 10.46 2.95
N PRO A 45 3.25 10.28 2.92
CA PRO A 45 4.13 11.34 2.41
C PRO A 45 3.85 11.72 0.96
N GLU A 46 3.39 10.75 0.17
CA GLU A 46 3.10 10.97 -1.28
C GLU A 46 2.01 12.04 -1.42
N SER A 47 1.16 12.22 -0.39
CA SER A 47 0.05 13.17 -0.47
C SER A 47 0.52 14.61 -0.31
N PHE A 48 1.81 14.84 -0.11
CA PHE A 48 2.31 16.22 0.06
C PHE A 48 2.90 16.75 -1.25
N LYS A 49 2.71 16.03 -2.35
CA LYS A 49 3.07 16.54 -3.70
C LYS A 49 2.11 17.66 -4.11
N ASN A 50 2.56 18.91 -4.15
CA ASN A 50 1.70 20.06 -4.54
C ASN A 50 0.46 20.15 -3.64
N SER A 51 0.69 19.98 -2.34
CA SER A 51 -0.41 20.13 -1.34
C SER A 51 -0.52 21.56 -0.79
N ALA A 52 0.43 22.44 -1.05
CA ALA A 52 0.36 23.85 -0.60
C ALA A 52 -0.94 24.48 -1.07
N THR A 53 -1.60 25.23 -0.18
CA THR A 53 -2.92 25.86 -0.42
C THR A 53 -3.10 26.96 0.61
N PRO A 54 -3.87 28.01 0.31
CA PRO A 54 -3.96 29.12 1.24
C PRO A 54 -4.73 28.80 2.51
N VAL A 55 -4.64 29.70 3.47
CA VAL A 55 -5.45 29.59 4.70
C VAL A 55 -6.91 29.62 4.29
N GLY A 56 -7.71 28.81 5.01
CA GLY A 56 -9.17 28.81 4.79
C GLY A 56 -9.60 27.93 3.64
N THR A 57 -8.67 27.18 3.04
CA THR A 57 -8.94 26.24 1.93
C THR A 57 -8.57 24.82 2.25
N ALA A 58 -9.01 23.91 1.39
CA ALA A 58 -8.65 22.49 1.45
C ALA A 58 -8.25 22.04 0.05
N LYS A 59 -7.24 21.25 0.01
CA LYS A 59 -6.72 20.69 -1.25
C LYS A 59 -6.48 19.21 -1.03
N THR A 60 -7.12 18.38 -1.85
CA THR A 60 -7.00 16.92 -1.72
C THR A 60 -5.89 16.41 -2.64
N VAL A 61 -5.06 15.54 -2.12
CA VAL A 61 -4.00 14.82 -2.88
C VAL A 61 -4.11 13.35 -2.51
N MET A 62 -4.11 12.49 -3.52
N MET A 62 -4.12 12.50 -3.53
CA MET A 62 -4.25 11.03 -3.35
CA MET A 62 -4.21 11.03 -3.34
C MET A 62 -2.91 10.43 -2.91
C MET A 62 -2.86 10.50 -2.83
N CYS A 63 -2.94 9.53 -1.93
CA CYS A 63 -1.81 8.66 -1.59
C CYS A 63 -2.23 7.27 -2.06
N GLY A 64 -1.77 6.83 -3.23
CA GLY A 64 -2.42 5.65 -3.86
C GLY A 64 -3.79 6.01 -4.30
N THR A 65 -4.82 5.37 -3.75
CA THR A 65 -6.23 5.74 -3.94
C THR A 65 -6.81 6.35 -2.66
N TYR A 66 -6.00 6.54 -1.63
CA TYR A 66 -6.50 7.02 -0.30
C TYR A 66 -6.43 8.55 -0.29
N PRO A 67 -7.57 9.27 -0.21
CA PRO A 67 -7.54 10.73 -0.27
C PRO A 67 -7.11 11.39 1.04
N VAL A 68 -6.16 12.31 0.90
CA VAL A 68 -5.72 13.14 2.03
C VAL A 68 -6.18 14.55 1.72
N ILE A 69 -7.08 15.10 2.54
CA ILE A 69 -7.68 16.42 2.34
C ILE A 69 -6.86 17.38 3.22
N HIS A 70 -6.00 18.16 2.61
CA HIS A 70 -5.15 19.12 3.35
C HIS A 70 -5.95 20.36 3.63
N ALA A 71 -6.38 20.54 4.88
CA ALA A 71 -7.23 21.67 5.30
C ALA A 71 -6.41 22.65 6.15
N VAL A 72 -6.30 23.89 5.66
CA VAL A 72 -5.43 24.90 6.33
C VAL A 72 -6.25 25.86 7.20
N GLY A 73 -6.31 25.53 8.48
CA GLY A 73 -6.85 26.43 9.49
C GLY A 73 -5.89 27.60 9.70
N PRO A 74 -6.43 28.74 10.15
CA PRO A 74 -5.62 29.91 10.50
C PRO A 74 -4.77 29.64 11.75
N ASN A 75 -3.59 30.24 11.77
CA ASN A 75 -2.78 30.29 13.00
C ASN A 75 -3.19 31.54 13.78
N PHE A 76 -3.89 31.37 14.88
CA PHE A 76 -4.44 32.46 15.74
C PHE A 76 -3.29 33.28 16.36
N SER A 77 -2.04 32.88 16.21
CA SER A 77 -0.88 33.78 16.54
C SER A 77 -0.84 34.96 15.58
N ASN A 78 -1.29 34.77 14.33
CA ASN A 78 -1.12 35.76 13.26
C ASN A 78 -2.40 36.49 12.95
N TYR A 79 -3.55 35.82 13.10
CA TYR A 79 -4.87 36.38 12.76
C TYR A 79 -5.48 37.02 14.01
N THR A 80 -6.30 38.04 13.80
CA THR A 80 -7.23 38.58 14.83
C THR A 80 -8.23 37.48 15.18
N GLU A 81 -8.85 37.53 16.35
CA GLU A 81 -9.93 36.55 16.69
C GLU A 81 -11.00 36.55 15.59
N SER A 82 -11.43 37.71 15.13
CA SER A 82 -12.50 37.86 14.11
C SER A 82 -12.07 37.19 12.79
N GLU A 83 -10.92 37.57 12.25
CA GLU A 83 -10.53 37.07 10.92
C GLU A 83 -10.23 35.57 11.04
N GLY A 84 -9.59 35.17 12.12
CA GLY A 84 -9.26 33.76 12.33
C GLY A 84 -10.54 32.96 12.38
N ASP A 85 -11.53 33.46 13.08
CA ASP A 85 -12.81 32.73 13.21
C ASP A 85 -13.39 32.54 11.80
N ARG A 86 -13.35 33.56 10.93
CA ARG A 86 -13.87 33.49 9.56
C ARG A 86 -13.09 32.42 8.75
N GLU A 87 -11.77 32.41 8.86
CA GLU A 87 -10.95 31.47 8.06
C GLU A 87 -11.17 30.05 8.56
N LEU A 88 -11.35 29.87 9.87
CA LEU A 88 -11.48 28.51 10.45
C LEU A 88 -12.82 27.93 9.94
N ALA A 89 -13.89 28.71 10.01
CA ALA A 89 -15.20 28.31 9.42
C ALA A 89 -15.05 27.99 7.93
N ALA A 90 -14.32 28.80 7.16
CA ALA A 90 -14.14 28.60 5.72
C ALA A 90 -13.39 27.27 5.47
N ALA A 91 -12.31 26.98 6.20
CA ALA A 91 -11.54 25.73 5.97
C ALA A 91 -12.51 24.56 6.08
N TYR A 92 -13.35 24.52 7.13
CA TYR A 92 -14.28 23.38 7.29
C TYR A 92 -15.28 23.35 6.15
N ARG A 93 -15.79 24.50 5.69
CA ARG A 93 -16.72 24.45 4.52
C ARG A 93 -16.01 23.81 3.32
N GLU A 94 -14.73 24.10 3.06
CA GLU A 94 -14.02 23.47 1.93
C GLU A 94 -13.83 21.99 2.21
N VAL A 95 -13.62 21.55 3.45
CA VAL A 95 -13.53 20.12 3.74
C VAL A 95 -14.87 19.46 3.35
N ALA A 96 -15.99 20.04 3.73
CA ALA A 96 -17.30 19.43 3.38
C ALA A 96 -17.45 19.31 1.87
N LYS A 97 -17.02 20.29 1.08
CA LYS A 97 -17.10 20.22 -0.40
C LYS A 97 -16.24 19.05 -0.90
N GLU A 98 -15.02 18.90 -0.37
CA GLU A 98 -14.13 17.83 -0.82
C GLU A 98 -14.69 16.47 -0.46
N VAL A 99 -15.16 16.30 0.78
CA VAL A 99 -15.72 15.02 1.24
C VAL A 99 -16.89 14.65 0.30
N THR A 100 -17.69 15.64 -0.02
CA THR A 100 -18.87 15.40 -0.91
C THR A 100 -18.38 15.01 -2.30
N ARG A 101 -17.45 15.77 -2.85
CA ARG A 101 -16.90 15.52 -4.21
C ARG A 101 -16.29 14.12 -4.30
N LEU A 102 -15.62 13.64 -3.26
CA LEU A 102 -14.89 12.37 -3.28
C LEU A 102 -15.89 11.21 -3.27
N GLY A 103 -17.09 11.42 -2.78
CA GLY A 103 -18.12 10.38 -2.65
C GLY A 103 -17.82 9.34 -1.59
N VAL A 104 -16.97 9.68 -0.62
CA VAL A 104 -16.63 8.75 0.48
C VAL A 104 -17.85 8.57 1.40
N ASN A 105 -17.88 7.45 2.09
CA ASN A 105 -18.93 7.19 3.09
C ASN A 105 -18.45 7.51 4.50
N SER A 106 -17.17 7.82 4.68
CA SER A 106 -16.59 8.13 6.03
C SER A 106 -15.35 9.01 5.85
N VAL A 107 -15.04 9.78 6.88
CA VAL A 107 -13.90 10.72 6.90
C VAL A 107 -13.41 10.83 8.34
N ALA A 108 -12.09 10.80 8.49
CA ALA A 108 -11.35 11.03 9.74
C ALA A 108 -10.94 12.51 9.77
N ILE A 109 -11.25 13.24 10.83
N ILE A 109 -11.34 13.26 10.79
CA ILE A 109 -11.04 14.70 10.88
CA ILE A 109 -11.12 14.73 10.90
C ILE A 109 -10.53 15.12 12.25
C ILE A 109 -10.47 15.05 12.24
N PRO A 110 -9.46 15.94 12.27
CA PRO A 110 -8.97 16.54 13.52
C PRO A 110 -9.68 17.86 13.77
N LEU A 111 -9.58 18.41 14.99
CA LEU A 111 -10.11 19.78 15.21
C LEU A 111 -9.06 20.81 14.74
N LEU A 112 -9.36 21.47 13.64
CA LEU A 112 -8.46 22.49 13.07
C LEU A 112 -8.22 23.63 14.07
N SER A 113 -7.00 24.16 14.03
CA SER A 113 -6.54 25.36 14.78
C SER A 113 -6.64 25.14 16.30
N THR A 114 -6.58 23.90 16.80
CA THR A 114 -6.69 23.63 18.27
C THR A 114 -5.34 23.30 18.91
N GLY A 115 -4.30 23.10 18.12
CA GLY A 115 -2.96 22.75 18.62
C GLY A 115 -2.02 23.94 18.51
N VAL A 116 -0.94 23.79 17.75
CA VAL A 116 0.09 24.86 17.63
C VAL A 116 -0.46 26.11 16.91
N TYR A 117 -1.64 26.06 16.25
CA TYR A 117 -2.26 27.23 15.62
C TYR A 117 -3.36 27.85 16.49
N SER A 118 -3.49 27.42 17.75
CA SER A 118 -4.56 27.92 18.66
C SER A 118 -4.23 29.30 19.26
N GLY A 119 -3.00 29.78 19.06
CA GLY A 119 -2.56 31.03 19.70
C GLY A 119 -2.68 30.93 21.21
N GLY A 120 -2.45 29.72 21.74
CA GLY A 120 -2.42 29.37 23.18
C GLY A 120 -3.78 29.37 23.87
N LYS A 121 -4.88 29.31 23.12
CA LYS A 121 -6.26 29.35 23.66
C LYS A 121 -6.92 27.99 23.46
N ASP A 122 -7.91 27.69 24.29
CA ASP A 122 -8.74 26.48 24.19
C ASP A 122 -9.81 26.80 23.15
N ARG A 123 -9.73 26.13 21.98
CA ARG A 123 -10.69 26.38 20.88
C ARG A 123 -11.47 25.09 20.54
N LEU A 124 -11.60 24.16 21.49
CA LEU A 124 -12.40 22.92 21.27
C LEU A 124 -13.77 23.33 20.73
N THR A 125 -14.54 24.09 21.50
CA THR A 125 -15.94 24.43 21.16
C THR A 125 -16.01 25.21 19.86
N GLN A 126 -15.14 26.19 19.68
CA GLN A 126 -15.15 27.04 18.46
C GLN A 126 -14.90 26.14 17.24
N SER A 127 -13.89 25.31 17.33
CA SER A 127 -13.45 24.51 16.16
C SER A 127 -14.50 23.43 15.88
N LEU A 128 -14.97 22.74 16.93
CA LEU A 128 -16.00 21.69 16.78
C LEU A 128 -17.29 22.27 16.21
N ASN A 129 -17.73 23.44 16.66
CA ASN A 129 -18.98 24.03 16.16
C ASN A 129 -18.81 24.38 14.69
N HIS A 130 -17.64 24.83 14.26
CA HIS A 130 -17.45 25.11 12.82
C HIS A 130 -17.41 23.80 12.03
N LEU A 131 -16.89 22.75 12.62
CA LEU A 131 -16.91 21.40 12.01
C LEU A 131 -18.36 21.01 11.78
N PHE A 132 -19.17 21.09 12.82
CA PHE A 132 -20.59 20.71 12.70
C PHE A 132 -21.25 21.56 11.64
N THR A 133 -21.07 22.88 11.64
CA THR A 133 -21.75 23.78 10.67
C THR A 133 -21.52 23.26 9.25
N ALA A 134 -20.27 22.89 8.95
CA ALA A 134 -19.88 22.44 7.62
C ALA A 134 -20.38 21.02 7.33
N MET A 135 -20.21 20.10 8.25
CA MET A 135 -20.36 18.66 7.98
C MET A 135 -21.81 18.22 8.20
N ASP A 136 -22.66 19.02 8.82
CA ASP A 136 -24.01 18.52 9.20
C ASP A 136 -24.81 18.19 7.95
N SER A 137 -24.56 18.87 6.85
CA SER A 137 -25.35 18.68 5.59
C SER A 137 -24.74 17.56 4.74
N THR A 138 -23.57 17.00 5.13
CA THR A 138 -22.95 15.85 4.44
C THR A 138 -23.53 14.55 5.02
N ASP A 139 -23.47 13.46 4.24
CA ASP A 139 -23.99 12.16 4.69
C ASP A 139 -22.84 11.19 4.93
N ALA A 140 -21.60 11.70 5.04
CA ALA A 140 -20.47 10.83 5.45
C ALA A 140 -20.51 10.56 6.96
N ASP A 141 -20.13 9.36 7.39
CA ASP A 141 -19.80 9.12 8.81
C ASP A 141 -18.55 9.95 9.14
N VAL A 142 -18.62 10.79 10.17
CA VAL A 142 -17.48 11.65 10.56
C VAL A 142 -16.93 11.07 11.84
N VAL A 143 -15.62 10.86 11.85
CA VAL A 143 -14.92 10.35 13.06
C VAL A 143 -13.85 11.36 13.42
N ILE A 144 -14.07 12.02 14.53
CA ILE A 144 -13.17 13.07 15.03
C ILE A 144 -12.06 12.44 15.85
N TYR A 145 -10.81 12.79 15.57
CA TYR A 145 -9.65 12.22 16.29
C TYR A 145 -9.07 13.30 17.19
N CYS A 146 -8.78 12.91 18.43
CA CYS A 146 -8.19 13.82 19.42
C CYS A 146 -7.17 13.04 20.23
N ARG A 147 -6.36 13.74 21.04
CA ARG A 147 -5.30 13.05 21.82
C ARG A 147 -5.51 13.18 23.33
N ASP A 148 -6.27 14.17 23.77
CA ASP A 148 -6.46 14.47 25.22
C ASP A 148 -7.72 13.78 25.76
N LYS A 149 -7.61 13.15 26.95
CA LYS A 149 -8.73 12.40 27.57
C LYS A 149 -9.90 13.33 27.89
N GLU A 150 -9.61 14.51 28.42
CA GLU A 150 -10.68 15.48 28.75
C GLU A 150 -11.34 16.01 27.47
N TRP A 151 -10.56 16.28 26.42
CA TRP A 151 -11.15 16.66 25.12
C TRP A 151 -12.06 15.56 24.58
N GLU A 152 -11.69 14.30 24.69
CA GLU A 152 -12.52 13.19 24.20
C GLU A 152 -13.89 13.30 24.87
N LYS A 153 -13.89 13.53 26.19
CA LYS A 153 -15.15 13.54 26.97
C LYS A 153 -16.00 14.72 26.48
N LYS A 154 -15.38 15.88 26.30
CA LYS A 154 -16.10 17.11 25.92
C LYS A 154 -16.66 17.00 24.50
N ILE A 155 -15.88 16.45 23.58
CA ILE A 155 -16.34 16.24 22.19
C ILE A 155 -17.48 15.23 22.18
N SER A 156 -17.36 14.15 22.96
CA SER A 156 -18.39 13.10 23.03
C SER A 156 -19.68 13.69 23.56
N GLU A 157 -19.56 14.51 24.59
CA GLU A 157 -20.72 15.19 25.23
C GLU A 157 -21.42 16.07 24.19
N ALA A 158 -20.66 16.81 23.40
CA ALA A 158 -21.22 17.77 22.44
C ALA A 158 -21.96 16.99 21.35
N ILE A 159 -21.38 15.87 20.94
CA ILE A 159 -22.02 15.01 19.92
C ILE A 159 -23.36 14.51 20.52
N GLN A 160 -23.30 13.92 21.71
CA GLN A 160 -24.47 13.24 22.32
C GLN A 160 -25.56 14.27 22.60
N MET A 161 -25.21 15.51 22.98
CA MET A 161 -26.16 16.62 23.27
C MET A 161 -27.19 16.77 22.14
N ARG A 162 -26.75 16.69 20.88
CA ARG A 162 -27.60 16.95 19.68
C ARG A 162 -28.40 15.67 19.35
N THR A 163 -28.01 14.55 20.00
CA THR A 163 -28.73 13.27 20.26
C THR A 163 -27.85 12.14 19.72
N GLY B 1 -20.77 -21.77 17.12
CA GLY B 1 -19.59 -22.68 17.09
C GLY B 1 -19.11 -22.91 15.67
N ALA B 2 -17.83 -23.29 15.52
CA ALA B 2 -17.29 -23.77 14.24
C ALA B 2 -17.97 -25.11 13.92
N MET B 3 -18.20 -25.41 12.64
CA MET B 3 -18.92 -26.65 12.26
C MET B 3 -18.15 -27.86 12.80
N ALA B 4 -16.82 -27.77 12.78
CA ALA B 4 -15.92 -28.84 13.27
C ALA B 4 -14.79 -28.15 14.02
N PRO B 5 -15.02 -27.79 15.30
CA PRO B 5 -14.03 -27.04 16.06
C PRO B 5 -12.63 -27.65 15.88
N SER B 6 -11.68 -26.79 15.54
CA SER B 6 -10.27 -27.13 15.26
C SER B 6 -9.33 -26.21 16.04
N TYR B 7 -8.10 -26.68 16.16
CA TYR B 7 -6.88 -25.88 16.40
C TYR B 7 -6.02 -25.80 15.14
N ARG B 8 -5.53 -24.60 14.82
CA ARG B 8 -4.60 -24.32 13.69
C ARG B 8 -3.48 -23.41 14.20
N VAL B 9 -2.30 -23.47 13.57
CA VAL B 9 -1.18 -22.55 13.92
C VAL B 9 -0.77 -21.79 12.65
N LYS B 10 -0.53 -20.49 12.79
CA LYS B 10 -0.10 -19.58 11.72
C LYS B 10 1.14 -18.83 12.22
N ARG B 11 2.21 -18.84 11.45
CA ARG B 11 3.43 -18.08 11.77
C ARG B 11 3.35 -16.70 11.09
N MET B 12 2.70 -15.74 11.74
CA MET B 12 2.54 -14.37 11.22
C MET B 12 2.09 -13.46 12.35
N ASP B 13 2.13 -12.16 12.08
CA ASP B 13 1.66 -11.05 12.95
C ASP B 13 0.17 -11.23 13.21
N ILE B 14 -0.18 -11.31 14.48
CA ILE B 14 -1.55 -11.64 14.92
C ILE B 14 -2.43 -10.41 14.65
N ALA B 15 -1.85 -9.23 14.38
CA ALA B 15 -2.65 -8.03 14.02
C ALA B 15 -3.29 -8.22 12.62
N LYS B 16 -2.79 -9.17 11.84
CA LYS B 16 -3.33 -9.51 10.49
C LYS B 16 -4.22 -10.76 10.55
N ASN B 17 -4.69 -11.16 11.73
CA ASN B 17 -5.56 -12.36 11.86
C ASN B 17 -6.83 -12.17 11.02
N ASP B 18 -7.41 -13.29 10.56
CA ASP B 18 -8.72 -13.37 9.86
C ASP B 18 -9.80 -13.98 10.77
N GLU B 19 -9.67 -13.89 12.09
CA GLU B 19 -10.62 -14.49 13.05
C GLU B 19 -11.55 -13.41 13.54
N GLU B 20 -12.59 -13.82 14.25
CA GLU B 20 -13.69 -12.96 14.71
C GLU B 20 -13.27 -12.20 15.96
N CYS B 21 -12.12 -12.56 16.55
CA CYS B 21 -11.58 -11.78 17.69
C CYS B 21 -10.12 -12.14 17.90
N VAL B 22 -9.46 -11.29 18.70
CA VAL B 22 -8.01 -11.42 18.96
C VAL B 22 -7.80 -11.41 20.48
N VAL B 23 -6.84 -12.26 20.88
CA VAL B 23 -6.29 -12.25 22.26
C VAL B 23 -4.94 -11.50 22.22
N ASN B 24 -4.89 -10.44 22.97
CA ASN B 24 -3.63 -9.70 23.19
C ASN B 24 -2.91 -10.34 24.39
N ALA B 25 -1.62 -10.50 24.24
CA ALA B 25 -0.73 -10.86 25.36
C ALA B 25 -0.43 -9.55 26.07
N ALA B 26 -1.34 -9.11 26.91
CA ALA B 26 -1.38 -7.77 27.52
C ALA B 26 -0.45 -7.68 28.73
N ASN B 27 -0.12 -6.45 29.08
CA ASN B 27 0.40 -6.16 30.44
C ASN B 27 -0.73 -5.69 31.32
N PRO B 28 -0.58 -5.69 32.64
CA PRO B 28 -1.71 -5.38 33.54
C PRO B 28 -2.19 -3.93 33.45
N ARG B 29 -1.38 -3.03 32.88
CA ARG B 29 -1.66 -1.59 32.98
C ARG B 29 -2.24 -1.07 31.68
N GLY B 30 -2.41 -1.93 30.68
CA GLY B 30 -2.95 -1.50 29.37
C GLY B 30 -2.00 -0.56 28.66
N LEU B 31 -0.71 -0.82 28.81
CA LEU B 31 0.34 -0.04 28.12
C LEU B 31 0.70 -0.74 26.83
N PRO B 32 1.32 -0.06 25.84
CA PRO B 32 1.67 -0.68 24.55
C PRO B 32 2.56 -1.96 24.44
N GLY B 33 3.55 -2.09 25.30
CA GLY B 33 4.30 -3.35 25.48
C GLY B 33 5.23 -3.76 24.35
N ASP B 34 5.54 -5.06 24.30
CA ASP B 34 6.51 -5.66 23.35
C ASP B 34 5.80 -6.78 22.56
N GLY B 35 6.46 -7.28 21.51
CA GLY B 35 5.96 -8.44 20.74
C GLY B 35 4.52 -8.29 20.29
N VAL B 36 3.68 -9.28 20.61
CA VAL B 36 2.24 -9.28 20.25
C VAL B 36 1.55 -7.99 20.69
N CYS B 37 1.78 -7.52 21.90
CA CYS B 37 1.10 -6.35 22.46
C CYS B 37 1.40 -5.12 21.62
N LYS B 38 2.66 -4.98 21.19
CA LYS B 38 3.10 -3.84 20.33
C LYS B 38 2.32 -3.89 19.01
N ALA B 39 2.26 -5.08 18.41
CA ALA B 39 1.47 -5.31 17.16
C ALA B 39 -0.02 -4.97 17.39
N VAL B 40 -0.63 -5.38 18.50
CA VAL B 40 -2.04 -5.07 18.80
C VAL B 40 -2.26 -3.57 19.04
N TYR B 41 -1.32 -2.88 19.68
CA TYR B 41 -1.50 -1.44 19.98
C TYR B 41 -1.45 -0.65 18.67
N LYS B 42 -0.70 -1.16 17.72
CA LYS B 42 -0.48 -0.44 16.45
C LYS B 42 -1.80 -0.38 15.69
N LYS B 43 -2.70 -1.35 15.85
CA LYS B 43 -3.97 -1.39 15.06
C LYS B 43 -5.19 -0.99 15.91
N TRP B 44 -5.24 -1.45 17.16
CA TRP B 44 -6.39 -1.26 18.06
C TRP B 44 -5.98 -0.51 19.30
N PRO B 45 -5.34 0.68 19.19
CA PRO B 45 -5.03 1.44 20.38
C PRO B 45 -6.25 1.81 21.17
N GLU B 46 -7.39 2.13 20.53
CA GLU B 46 -8.61 2.49 21.30
C GLU B 46 -9.14 1.25 22.01
N SER B 47 -8.62 0.08 21.67
CA SER B 47 -8.87 -1.16 22.47
C SER B 47 -8.13 -1.11 23.81
N PHE B 48 -7.17 -0.18 24.01
CA PHE B 48 -6.46 -0.02 25.28
C PHE B 48 -7.17 0.97 26.20
N LYS B 49 -8.31 1.53 25.79
CA LYS B 49 -9.10 2.37 26.68
C LYS B 49 -9.62 1.49 27.81
N ASN B 50 -9.10 1.71 29.00
CA ASN B 50 -9.58 1.09 30.25
C ASN B 50 -9.37 -0.42 30.12
N SER B 51 -8.27 -0.82 29.50
CA SER B 51 -7.97 -2.27 29.33
C SER B 51 -7.14 -2.81 30.50
N ALA B 52 -6.65 -1.95 31.40
CA ALA B 52 -5.89 -2.40 32.60
C ALA B 52 -6.68 -3.49 33.35
N THR B 53 -6.03 -4.59 33.71
CA THR B 53 -6.70 -5.71 34.41
C THR B 53 -5.61 -6.51 35.10
N PRO B 54 -5.90 -7.23 36.20
CA PRO B 54 -4.87 -7.94 36.94
C PRO B 54 -4.28 -9.13 36.18
N VAL B 55 -3.11 -9.54 36.66
CA VAL B 55 -2.50 -10.80 36.19
C VAL B 55 -3.49 -11.94 36.41
N GLY B 56 -3.58 -12.85 35.45
CA GLY B 56 -4.47 -14.00 35.57
C GLY B 56 -5.88 -13.71 35.09
N THR B 57 -6.14 -12.54 34.53
CA THR B 57 -7.47 -12.14 34.02
C THR B 57 -7.44 -11.73 32.56
N ALA B 58 -8.64 -11.67 31.99
CA ALA B 58 -8.85 -11.18 30.63
C ALA B 58 -9.91 -10.10 30.68
N LYS B 59 -9.67 -9.02 29.93
CA LYS B 59 -10.58 -7.86 29.79
C LYS B 59 -10.82 -7.61 28.31
N THR B 60 -12.07 -7.64 27.83
CA THR B 60 -12.39 -7.42 26.41
C THR B 60 -12.81 -5.98 26.20
N VAL B 61 -12.19 -5.35 25.22
CA VAL B 61 -12.57 -4.00 24.79
C VAL B 61 -12.97 -4.14 23.34
N MET B 62 -14.22 -3.72 23.06
CA MET B 62 -14.84 -3.71 21.72
C MET B 62 -14.31 -2.50 20.95
N CYS B 63 -13.77 -2.75 19.75
CA CYS B 63 -13.50 -1.75 18.73
C CYS B 63 -14.62 -1.88 17.69
N GLY B 64 -15.70 -1.12 17.86
CA GLY B 64 -16.92 -1.36 17.07
C GLY B 64 -17.45 -2.75 17.39
N THR B 65 -17.45 -3.68 16.43
CA THR B 65 -17.99 -5.04 16.63
C THR B 65 -16.85 -6.03 16.89
N TYR B 66 -15.60 -5.58 16.81
CA TYR B 66 -14.41 -6.48 16.87
C TYR B 66 -13.89 -6.53 18.31
N PRO B 67 -13.94 -7.70 18.97
CA PRO B 67 -13.38 -7.86 20.32
C PRO B 67 -11.86 -8.11 20.38
N VAL B 68 -11.25 -7.29 21.23
CA VAL B 68 -9.84 -7.46 21.66
C VAL B 68 -9.86 -7.92 23.10
N ILE B 69 -9.38 -9.16 23.28
CA ILE B 69 -9.40 -9.83 24.61
C ILE B 69 -7.99 -9.68 25.22
N HIS B 70 -7.88 -8.74 26.11
CA HIS B 70 -6.57 -8.48 26.78
C HIS B 70 -6.36 -9.51 27.86
N ALA B 71 -5.43 -10.45 27.62
CA ALA B 71 -5.17 -11.56 28.57
C ALA B 71 -3.81 -11.32 29.22
N VAL B 72 -3.81 -11.23 30.53
CA VAL B 72 -2.56 -10.84 31.26
C VAL B 72 -1.93 -12.11 31.85
N GLY B 73 -0.96 -12.65 31.17
CA GLY B 73 -0.12 -13.72 31.74
C GLY B 73 0.90 -13.16 32.70
N PRO B 74 1.40 -14.00 33.61
CA PRO B 74 2.39 -13.58 34.60
C PRO B 74 3.74 -13.36 33.92
N ASN B 75 4.46 -12.40 34.52
CA ASN B 75 5.89 -12.19 34.18
C ASN B 75 6.70 -13.11 35.10
N PHE B 76 7.26 -14.18 34.57
CA PHE B 76 8.07 -15.16 35.34
C PHE B 76 9.37 -14.52 35.86
N SER B 77 9.72 -13.30 35.46
CA SER B 77 10.80 -12.54 36.15
C SER B 77 10.36 -12.21 37.59
N ASN B 78 9.06 -12.10 37.85
CA ASN B 78 8.47 -11.57 39.10
C ASN B 78 7.80 -12.68 39.90
N TYR B 79 7.10 -13.60 39.23
CA TYR B 79 6.39 -14.75 39.86
C TYR B 79 7.36 -15.93 40.01
N THR B 80 7.16 -16.71 41.07
CA THR B 80 7.77 -18.03 41.19
C THR B 80 7.20 -18.96 40.14
N GLU B 81 7.88 -20.06 39.87
CA GLU B 81 7.37 -21.08 38.93
C GLU B 81 5.99 -21.54 39.39
N SER B 82 5.82 -21.74 40.68
CA SER B 82 4.53 -22.25 41.22
C SER B 82 3.42 -21.21 41.04
N GLU B 83 3.66 -19.97 41.44
CA GLU B 83 2.58 -18.97 41.42
C GLU B 83 2.34 -18.57 39.97
N GLY B 84 3.37 -18.50 39.17
CA GLY B 84 3.24 -18.15 37.74
C GLY B 84 2.46 -19.21 37.02
N ASP B 85 2.69 -20.47 37.32
CA ASP B 85 1.98 -21.57 36.61
C ASP B 85 0.48 -21.43 36.86
N ARG B 86 0.07 -21.09 38.08
CA ARG B 86 -1.34 -20.94 38.46
C ARG B 86 -1.91 -19.75 37.67
N GLU B 87 -1.21 -18.61 37.66
CA GLU B 87 -1.73 -17.39 37.01
C GLU B 87 -1.82 -17.62 35.50
N LEU B 88 -0.89 -18.34 34.91
CA LEU B 88 -0.90 -18.57 33.45
C LEU B 88 -2.12 -19.41 33.11
N ALA B 89 -2.37 -20.46 33.87
CA ALA B 89 -3.60 -21.29 33.69
C ALA B 89 -4.83 -20.42 33.81
N ALA B 90 -4.87 -19.53 34.79
CA ALA B 90 -6.03 -18.66 35.08
C ALA B 90 -6.29 -17.72 33.90
N ALA B 91 -5.25 -17.13 33.33
CA ALA B 91 -5.43 -16.16 32.23
C ALA B 91 -6.14 -16.92 31.11
N TYR B 92 -5.66 -18.12 30.78
CA TYR B 92 -6.27 -18.85 29.65
C TYR B 92 -7.71 -19.24 30.02
N ARG B 93 -7.98 -19.63 31.25
CA ARG B 93 -9.39 -19.93 31.63
C ARG B 93 -10.29 -18.72 31.39
N GLU B 94 -9.82 -17.51 31.72
N GLU B 94 -9.80 -17.51 31.69
CA GLU B 94 -10.60 -16.26 31.47
CA GLU B 94 -10.59 -16.28 31.51
C GLU B 94 -10.77 -16.05 29.97
C GLU B 94 -10.74 -15.99 30.00
N VAL B 95 -9.74 -16.32 29.18
CA VAL B 95 -9.85 -16.22 27.71
C VAL B 95 -10.99 -17.15 27.22
N ALA B 96 -11.05 -18.39 27.68
CA ALA B 96 -12.10 -19.33 27.25
C ALA B 96 -13.48 -18.79 27.62
N LYS B 97 -13.65 -18.25 28.82
CA LYS B 97 -14.92 -17.62 29.26
C LYS B 97 -15.29 -16.47 28.33
N GLU B 98 -14.36 -15.59 27.99
CA GLU B 98 -14.63 -14.43 27.12
C GLU B 98 -15.01 -14.91 25.73
N VAL B 99 -14.27 -15.84 25.16
CA VAL B 99 -14.55 -16.35 23.79
C VAL B 99 -15.96 -16.92 23.81
N THR B 100 -16.31 -17.64 24.85
CA THR B 100 -17.65 -18.27 24.95
C THR B 100 -18.68 -17.14 25.01
N ARG B 101 -18.45 -16.18 25.89
CA ARG B 101 -19.42 -15.07 26.11
C ARG B 101 -19.68 -14.34 24.79
N LEU B 102 -18.64 -14.07 24.03
CA LEU B 102 -18.67 -13.25 22.80
C LEU B 102 -19.44 -14.00 21.70
N GLY B 103 -19.52 -15.32 21.75
CA GLY B 103 -20.23 -16.13 20.74
C GLY B 103 -19.52 -16.14 19.40
N VAL B 104 -18.22 -15.86 19.36
CA VAL B 104 -17.41 -15.93 18.13
C VAL B 104 -17.30 -17.40 17.72
N ASN B 105 -17.08 -17.63 16.44
CA ASN B 105 -16.79 -18.95 15.85
C ASN B 105 -15.30 -19.15 15.65
N SER B 106 -14.49 -18.09 15.86
CA SER B 106 -13.03 -18.21 15.73
C SER B 106 -12.36 -17.16 16.63
N VAL B 107 -11.10 -17.46 16.96
CA VAL B 107 -10.25 -16.59 17.84
C VAL B 107 -8.79 -16.83 17.43
N ALA B 108 -8.04 -15.73 17.36
CA ALA B 108 -6.58 -15.68 17.17
C ALA B 108 -5.97 -15.51 18.55
N ILE B 109 -5.07 -16.41 18.93
N ILE B 109 -5.11 -16.46 18.93
CA ILE B 109 -4.49 -16.41 20.30
CA ILE B 109 -4.48 -16.58 20.28
C ILE B 109 -2.98 -16.66 20.21
C ILE B 109 -2.96 -16.62 20.13
N PRO B 110 -2.18 -15.87 20.96
CA PRO B 110 -0.75 -16.09 21.06
C PRO B 110 -0.44 -16.97 22.27
N LEU B 111 0.78 -17.46 22.39
CA LEU B 111 1.20 -18.23 23.58
C LEU B 111 1.60 -17.23 24.68
N LEU B 112 0.77 -17.09 25.68
CA LEU B 112 0.97 -16.18 26.81
C LEU B 112 2.24 -16.59 27.57
N SER B 113 2.93 -15.56 28.04
CA SER B 113 4.12 -15.66 28.92
C SER B 113 5.31 -16.34 28.21
N THR B 114 5.38 -16.36 26.88
CA THR B 114 6.49 -17.03 26.13
C THR B 114 7.53 -16.03 25.61
N GLY B 115 7.23 -14.74 25.68
CA GLY B 115 8.16 -13.70 25.19
C GLY B 115 8.90 -13.07 26.34
N VAL B 116 8.78 -11.74 26.44
CA VAL B 116 9.45 -10.91 27.49
C VAL B 116 8.98 -11.35 28.89
N TYR B 117 7.82 -11.98 29.04
CA TYR B 117 7.34 -12.49 30.37
C TYR B 117 7.84 -13.92 30.68
N SER B 118 8.68 -14.55 29.86
CA SER B 118 9.14 -15.95 30.04
C SER B 118 10.17 -16.13 31.17
N GLY B 119 10.79 -15.04 31.61
CA GLY B 119 11.88 -15.15 32.60
C GLY B 119 13.07 -15.86 32.00
N GLY B 120 13.26 -15.74 30.69
CA GLY B 120 14.35 -16.39 29.96
C GLY B 120 14.27 -17.90 29.75
N LYS B 121 13.10 -18.50 29.99
CA LYS B 121 12.88 -19.96 29.84
C LYS B 121 12.02 -20.22 28.60
N ASP B 122 12.21 -21.38 27.96
CA ASP B 122 11.38 -21.84 26.83
C ASP B 122 10.08 -22.37 27.43
N ARG B 123 8.97 -21.65 27.21
CA ARG B 123 7.68 -22.01 27.85
C ARG B 123 6.65 -22.45 26.80
N LEU B 124 7.09 -22.87 25.62
CA LEU B 124 6.14 -23.29 24.54
C LEU B 124 5.22 -24.37 25.11
N THR B 125 5.76 -25.45 25.66
CA THR B 125 4.95 -26.62 26.09
C THR B 125 4.03 -26.22 27.25
N GLN B 126 4.55 -25.51 28.22
CA GLN B 126 3.78 -25.05 29.38
C GLN B 126 2.60 -24.21 28.91
N SER B 127 2.87 -23.20 28.10
CA SER B 127 1.85 -22.21 27.72
C SER B 127 0.83 -22.93 26.83
N LEU B 128 1.28 -23.79 25.92
CA LEU B 128 0.35 -24.51 25.01
C LEU B 128 -0.52 -25.48 25.83
N ASN B 129 0.02 -26.12 26.85
CA ASN B 129 -0.76 -27.06 27.69
C ASN B 129 -1.87 -26.28 28.37
N HIS B 130 -1.58 -25.08 28.90
CA HIS B 130 -2.62 -24.30 29.58
C HIS B 130 -3.64 -23.75 28.56
N LEU B 131 -3.22 -23.46 27.35
CA LEU B 131 -4.11 -22.99 26.27
C LEU B 131 -5.10 -24.13 25.98
N PHE B 132 -4.60 -25.31 25.70
CA PHE B 132 -5.47 -26.48 25.46
C PHE B 132 -6.40 -26.72 26.66
N THR B 133 -5.88 -26.73 27.89
CA THR B 133 -6.71 -27.08 29.07
C THR B 133 -7.94 -26.14 29.09
N ALA B 134 -7.77 -24.87 28.76
CA ALA B 134 -8.85 -23.88 28.79
C ALA B 134 -9.72 -23.99 27.53
N MET B 135 -9.12 -24.11 26.35
CA MET B 135 -9.87 -23.89 25.12
C MET B 135 -10.52 -25.21 24.68
N ASP B 136 -10.13 -26.36 25.20
CA ASP B 136 -10.59 -27.65 24.63
C ASP B 136 -12.11 -27.72 24.67
N SER B 137 -12.72 -27.19 25.75
CA SER B 137 -14.18 -27.29 25.99
C SER B 137 -14.93 -26.22 25.18
N THR B 138 -14.26 -25.28 24.53
CA THR B 138 -14.94 -24.25 23.68
C THR B 138 -15.13 -24.83 22.28
N ASP B 139 -16.08 -24.26 21.52
CA ASP B 139 -16.30 -24.73 20.13
C ASP B 139 -15.83 -23.73 19.10
N ALA B 140 -15.05 -22.74 19.49
CA ALA B 140 -14.52 -21.79 18.50
C ALA B 140 -13.36 -22.44 17.75
N ASP B 141 -13.19 -22.12 16.47
CA ASP B 141 -11.92 -22.41 15.80
C ASP B 141 -10.86 -21.53 16.46
N VAL B 142 -9.83 -22.19 16.96
CA VAL B 142 -8.65 -21.53 17.59
C VAL B 142 -7.47 -21.55 16.60
N VAL B 143 -6.94 -20.35 16.36
CA VAL B 143 -5.78 -20.08 15.51
C VAL B 143 -4.68 -19.48 16.39
N ILE B 144 -3.68 -20.29 16.62
CA ILE B 144 -2.49 -19.93 17.44
C ILE B 144 -1.48 -19.21 16.54
N TYR B 145 -1.06 -18.01 16.93
CA TYR B 145 -0.08 -17.19 16.15
C TYR B 145 1.28 -17.32 16.84
N CYS B 146 2.34 -17.57 16.07
CA CYS B 146 3.74 -17.57 16.56
C CYS B 146 4.59 -16.85 15.50
N ARG B 147 5.84 -16.54 15.87
CA ARG B 147 6.83 -15.79 15.03
C ARG B 147 7.90 -16.75 14.49
N ASP B 148 8.22 -17.79 15.27
CA ASP B 148 9.43 -18.63 15.10
C ASP B 148 9.06 -19.90 14.31
N LYS B 149 9.86 -20.25 13.29
CA LYS B 149 9.56 -21.44 12.45
C LYS B 149 9.68 -22.74 13.24
N GLU B 150 10.64 -22.86 14.18
CA GLU B 150 10.79 -24.09 15.00
C GLU B 150 9.60 -24.16 15.96
N TRP B 151 9.15 -23.01 16.48
CA TRP B 151 7.93 -22.99 17.35
C TRP B 151 6.70 -23.44 16.53
N GLU B 152 6.50 -22.88 15.34
CA GLU B 152 5.37 -23.27 14.44
C GLU B 152 5.38 -24.79 14.28
N LYS B 153 6.53 -25.38 13.98
CA LYS B 153 6.66 -26.85 13.84
C LYS B 153 6.20 -27.54 15.13
N LYS B 154 6.69 -27.14 16.30
CA LYS B 154 6.41 -27.88 17.56
C LYS B 154 4.93 -27.73 17.93
N ILE B 155 4.36 -26.56 17.68
CA ILE B 155 2.91 -26.28 18.00
C ILE B 155 2.07 -27.15 17.08
N SER B 156 2.37 -27.11 15.78
CA SER B 156 1.67 -27.93 14.76
C SER B 156 1.72 -29.40 15.18
N GLU B 157 2.90 -29.87 15.63
CA GLU B 157 3.14 -31.28 16.03
C GLU B 157 2.29 -31.63 17.24
N ALA B 158 2.24 -30.74 18.23
CA ALA B 158 1.43 -30.94 19.45
C ALA B 158 -0.05 -31.01 19.04
N ILE B 159 -0.53 -30.20 18.10
CA ILE B 159 -1.96 -30.22 17.65
C ILE B 159 -2.28 -31.58 17.06
N GLN B 160 -1.52 -31.96 16.02
CA GLN B 160 -1.85 -33.11 15.14
C GLN B 160 -1.80 -34.40 15.96
N MET B 161 -0.91 -34.47 16.97
CA MET B 161 -0.68 -35.67 17.83
C MET B 161 -1.97 -36.06 18.58
N ARG B 162 -2.88 -35.11 18.84
CA ARG B 162 -4.06 -35.32 19.72
C ARG B 162 -5.26 -35.81 18.90
N THR B 163 -5.14 -35.79 17.56
CA THR B 163 -6.24 -35.97 16.59
C THR B 163 -6.08 -37.32 15.89
N GLY C 1 9.97 -9.94 -24.08
CA GLY C 1 8.81 -8.99 -24.16
C GLY C 1 7.86 -9.36 -25.27
N ALA C 2 6.58 -9.00 -25.14
CA ALA C 2 5.62 -9.02 -26.26
C ALA C 2 6.04 -7.91 -27.23
N MET C 3 5.88 -8.12 -28.54
CA MET C 3 6.26 -7.11 -29.55
C MET C 3 5.51 -5.78 -29.34
N ALA C 4 4.26 -5.83 -28.91
CA ALA C 4 3.41 -4.65 -28.68
C ALA C 4 2.61 -4.93 -27.40
N PRO C 5 3.27 -4.79 -26.23
CA PRO C 5 2.65 -5.17 -24.96
C PRO C 5 1.24 -4.58 -24.82
N SER C 6 0.30 -5.41 -24.45
CA SER C 6 -1.12 -5.04 -24.36
C SER C 6 -1.73 -5.45 -23.03
N TYR C 7 -2.91 -4.93 -22.78
CA TYR C 7 -3.85 -5.43 -21.76
C TYR C 7 -5.08 -5.98 -22.45
N ARG C 8 -5.61 -7.07 -21.96
CA ARG C 8 -6.88 -7.65 -22.41
C ARG C 8 -7.64 -8.13 -21.19
N VAL C 9 -8.94 -8.28 -21.29
CA VAL C 9 -9.74 -8.92 -20.24
C VAL C 9 -10.54 -10.06 -20.85
N LYS C 10 -10.68 -11.13 -20.07
CA LYS C 10 -11.46 -12.32 -20.41
C LYS C 10 -12.36 -12.68 -19.22
N ARG C 11 -13.61 -12.95 -19.54
CA ARG C 11 -14.58 -13.50 -18.58
C ARG C 11 -14.48 -15.03 -18.69
N MET C 12 -13.59 -15.64 -17.90
CA MET C 12 -13.16 -17.03 -18.08
C MET C 12 -12.43 -17.48 -16.81
N ASP C 13 -12.47 -18.76 -16.52
CA ASP C 13 -11.71 -19.40 -15.42
C ASP C 13 -10.22 -19.19 -15.65
N ILE C 14 -9.54 -18.53 -14.72
CA ILE C 14 -8.09 -18.24 -14.84
C ILE C 14 -7.32 -19.57 -14.86
N ALA C 15 -7.95 -20.63 -14.39
CA ALA C 15 -7.28 -21.94 -14.30
C ALA C 15 -7.14 -22.53 -15.70
N LYS C 16 -7.84 -21.95 -16.68
N LYS C 16 -7.84 -21.99 -16.70
CA LYS C 16 -7.83 -22.36 -18.11
CA LYS C 16 -7.76 -22.42 -18.12
C LYS C 16 -7.19 -21.28 -18.98
C LYS C 16 -7.20 -21.28 -18.97
N ASN C 17 -6.34 -20.43 -18.40
CA ASN C 17 -5.70 -19.34 -19.15
C ASN C 17 -4.80 -19.83 -20.29
N ASP C 18 -4.54 -18.94 -21.20
CA ASP C 18 -3.70 -19.15 -22.40
C ASP C 18 -2.39 -18.38 -22.31
N GLU C 19 -1.90 -18.09 -21.12
CA GLU C 19 -0.68 -17.30 -20.95
C GLU C 19 0.44 -18.16 -20.37
N GLU C 20 1.62 -17.56 -20.34
CA GLU C 20 2.89 -18.27 -19.95
C GLU C 20 3.04 -18.44 -18.45
N CYS C 21 2.22 -17.77 -17.66
CA CYS C 21 2.23 -17.89 -16.20
C CYS C 21 0.95 -17.34 -15.63
N VAL C 22 0.68 -17.67 -14.38
CA VAL C 22 -0.58 -17.26 -13.74
C VAL C 22 -0.27 -16.57 -12.42
N VAL C 23 -1.09 -15.57 -12.10
CA VAL C 23 -1.06 -14.97 -10.74
C VAL C 23 -2.20 -15.56 -9.94
N ASN C 24 -1.86 -16.14 -8.78
CA ASN C 24 -2.88 -16.65 -7.84
C ASN C 24 -3.24 -15.54 -6.84
N ALA C 25 -4.52 -15.41 -6.55
CA ALA C 25 -5.00 -14.51 -5.47
C ALA C 25 -4.87 -15.33 -4.18
N ALA C 26 -3.64 -15.39 -3.72
CA ALA C 26 -3.17 -16.28 -2.64
C ALA C 26 -3.57 -15.77 -1.26
N ASN C 27 -3.43 -16.65 -0.27
CA ASN C 27 -3.61 -16.31 1.16
C ASN C 27 -2.23 -16.46 1.79
N PRO C 28 -1.90 -15.73 2.87
CA PRO C 28 -0.54 -15.72 3.40
C PRO C 28 0.10 -17.05 3.85
N ARG C 29 -0.68 -18.08 4.18
CA ARG C 29 -0.07 -19.36 4.64
C ARG C 29 -0.24 -20.43 3.54
N GLY C 30 -0.53 -20.01 2.32
CA GLY C 30 -0.41 -20.86 1.11
C GLY C 30 -1.33 -22.06 1.14
N LEU C 31 -2.57 -21.86 1.61
CA LEU C 31 -3.65 -22.86 1.64
C LEU C 31 -4.47 -22.81 0.35
N PRO C 32 -5.13 -23.93 -0.01
CA PRO C 32 -6.16 -23.96 -1.04
C PRO C 32 -7.09 -22.73 -1.09
N GLY C 33 -7.45 -22.18 0.07
CA GLY C 33 -8.30 -20.98 0.14
C GLY C 33 -9.61 -21.20 -0.61
N ASP C 34 -10.17 -20.14 -1.20
CA ASP C 34 -11.46 -20.16 -1.94
C ASP C 34 -11.32 -19.29 -3.18
N GLY C 35 -12.38 -19.22 -3.97
CA GLY C 35 -12.42 -18.41 -5.20
C GLY C 35 -11.32 -18.84 -6.17
N VAL C 36 -10.62 -17.85 -6.74
CA VAL C 36 -9.48 -18.05 -7.69
C VAL C 36 -8.49 -19.05 -7.07
N CYS C 37 -8.15 -18.84 -5.79
CA CYS C 37 -7.12 -19.62 -5.07
C CYS C 37 -7.46 -21.12 -5.06
N LYS C 38 -8.74 -21.49 -4.91
CA LYS C 38 -9.19 -22.91 -4.97
C LYS C 38 -9.04 -23.49 -6.39
N ALA C 39 -9.52 -22.78 -7.41
CA ALA C 39 -9.39 -23.16 -8.83
C ALA C 39 -7.90 -23.37 -9.18
N VAL C 40 -7.02 -22.47 -8.73
CA VAL C 40 -5.56 -22.52 -8.95
C VAL C 40 -5.05 -23.78 -8.25
N TYR C 41 -5.53 -24.04 -7.04
CA TYR C 41 -5.07 -25.20 -6.23
C TYR C 41 -5.42 -26.48 -6.96
N LYS C 42 -6.60 -26.54 -7.56
CA LYS C 42 -7.10 -27.77 -8.26
C LYS C 42 -6.26 -27.98 -9.54
N LYS C 43 -5.91 -26.91 -10.25
CA LYS C 43 -5.13 -27.02 -11.52
C LYS C 43 -3.63 -27.23 -11.25
N TRP C 44 -3.06 -26.51 -10.29
CA TRP C 44 -1.59 -26.49 -10.07
C TRP C 44 -1.26 -26.77 -8.61
N PRO C 45 -1.72 -27.92 -8.05
CA PRO C 45 -1.50 -28.18 -6.63
C PRO C 45 -0.01 -28.19 -6.26
N GLU C 46 0.87 -28.67 -7.13
CA GLU C 46 2.34 -28.70 -6.87
C GLU C 46 2.93 -27.31 -6.58
N SER C 47 2.30 -26.25 -7.08
CA SER C 47 2.79 -24.87 -6.91
C SER C 47 2.54 -24.39 -5.47
N PHE C 48 1.79 -25.14 -4.65
CA PHE C 48 1.45 -24.75 -3.25
C PHE C 48 2.50 -25.24 -2.23
N LYS C 49 3.56 -25.89 -2.73
CA LYS C 49 4.75 -26.28 -1.93
C LYS C 49 5.52 -25.03 -1.51
N ASN C 50 5.53 -24.72 -0.20
CA ASN C 50 6.28 -23.58 0.40
C ASN C 50 5.82 -22.27 -0.28
N SER C 51 4.54 -22.16 -0.62
CA SER C 51 4.00 -20.96 -1.31
C SER C 51 3.62 -19.89 -0.30
N ALA C 52 3.59 -20.23 0.99
CA ALA C 52 3.27 -19.25 2.06
C ALA C 52 4.09 -17.98 1.82
N THR C 53 3.46 -16.81 1.90
CA THR C 53 4.16 -15.53 1.73
C THR C 53 3.32 -14.41 2.33
N PRO C 54 3.93 -13.33 2.87
CA PRO C 54 3.16 -12.34 3.62
C PRO C 54 2.25 -11.47 2.75
N VAL C 55 1.23 -10.91 3.38
CA VAL C 55 0.41 -9.81 2.78
C VAL C 55 1.35 -8.78 2.15
N GLY C 56 1.01 -8.35 0.93
CA GLY C 56 1.78 -7.33 0.23
C GLY C 56 2.95 -7.84 -0.58
N THR C 57 3.10 -9.15 -0.67
CA THR C 57 4.24 -9.79 -1.39
C THR C 57 3.71 -10.77 -2.43
N ALA C 58 4.65 -11.24 -3.25
CA ALA C 58 4.35 -12.32 -4.23
C ALA C 58 5.50 -13.32 -4.19
N LYS C 59 5.16 -14.59 -4.31
CA LYS C 59 6.16 -15.69 -4.32
C LYS C 59 5.80 -16.63 -5.46
N THR C 60 6.77 -16.88 -6.34
CA THR C 60 6.57 -17.79 -7.47
C THR C 60 7.01 -19.22 -7.12
N VAL C 61 6.11 -20.15 -7.39
CA VAL C 61 6.43 -21.61 -7.32
C VAL C 61 6.04 -22.24 -8.65
N MET C 62 6.94 -23.06 -9.19
CA MET C 62 6.73 -23.81 -10.45
C MET C 62 5.77 -24.98 -10.21
N CYS C 63 4.90 -25.23 -11.17
CA CYS C 63 4.14 -26.47 -11.28
C CYS C 63 4.66 -27.11 -12.56
N GLY C 64 5.56 -28.10 -12.46
CA GLY C 64 6.37 -28.48 -13.63
C GLY C 64 7.29 -27.35 -14.02
N THR C 65 7.11 -26.74 -15.20
CA THR C 65 7.85 -25.54 -15.61
C THR C 65 6.88 -24.34 -15.64
N TYR C 66 5.63 -24.52 -15.23
CA TYR C 66 4.60 -23.46 -15.40
C TYR C 66 4.61 -22.60 -14.14
N PRO C 67 4.98 -21.30 -14.21
CA PRO C 67 5.11 -20.49 -12.99
C PRO C 67 3.73 -20.07 -12.47
N VAL C 68 3.54 -20.27 -11.18
CA VAL C 68 2.40 -19.73 -10.42
C VAL C 68 2.92 -18.68 -9.46
N ILE C 69 2.52 -17.42 -9.69
CA ILE C 69 2.94 -16.26 -8.88
C ILE C 69 1.88 -16.07 -7.80
N HIS C 70 2.17 -16.47 -6.54
CA HIS C 70 1.20 -16.38 -5.44
C HIS C 70 1.27 -14.96 -4.88
N ALA C 71 0.27 -14.14 -5.18
CA ALA C 71 0.26 -12.71 -4.79
C ALA C 71 -0.75 -12.56 -3.68
N VAL C 72 -0.27 -12.02 -2.54
CA VAL C 72 -1.16 -11.92 -1.36
C VAL C 72 -1.58 -10.46 -1.19
N GLY C 73 -2.79 -10.16 -1.64
CA GLY C 73 -3.41 -8.87 -1.36
C GLY C 73 -3.93 -8.87 0.06
N PRO C 74 -4.18 -7.67 0.59
CA PRO C 74 -4.81 -7.57 1.90
C PRO C 74 -6.26 -8.01 1.83
N ASN C 75 -6.70 -8.58 2.95
CA ASN C 75 -8.12 -8.84 3.19
C ASN C 75 -8.69 -7.60 3.88
N PHE C 76 -9.56 -6.87 3.20
CA PHE C 76 -10.12 -5.61 3.72
C PHE C 76 -11.13 -5.82 4.84
N SER C 77 -11.50 -7.06 5.16
CA SER C 77 -12.26 -7.35 6.41
C SER C 77 -11.37 -7.04 7.62
N ASN C 78 -10.04 -7.12 7.44
CA ASN C 78 -9.04 -7.08 8.53
C ASN C 78 -8.07 -5.91 8.37
N TYR C 79 -8.18 -5.16 7.29
CA TYR C 79 -7.29 -4.02 7.04
C TYR C 79 -8.14 -2.76 6.95
N THR C 80 -7.66 -1.65 7.47
CA THR C 80 -8.31 -0.34 7.24
C THR C 80 -8.18 0.01 5.76
N GLU C 81 -8.97 0.94 5.30
CA GLU C 81 -8.84 1.42 3.90
C GLU C 81 -7.43 1.96 3.66
N SER C 82 -6.89 2.74 4.59
CA SER C 82 -5.53 3.29 4.44
C SER C 82 -4.48 2.18 4.36
N GLU C 83 -4.41 1.27 5.34
CA GLU C 83 -3.32 0.29 5.40
C GLU C 83 -3.52 -0.70 4.25
N GLY C 84 -4.76 -1.01 3.92
CA GLY C 84 -4.99 -2.00 2.86
C GLY C 84 -4.62 -1.41 1.52
N ASP C 85 -4.86 -0.13 1.29
CA ASP C 85 -4.56 0.45 -0.03
C ASP C 85 -3.07 0.32 -0.28
N ARG C 86 -2.24 0.59 0.70
CA ARG C 86 -0.78 0.45 0.55
C ARG C 86 -0.41 -1.01 0.29
N GLU C 87 -0.99 -1.98 1.00
CA GLU C 87 -0.57 -3.40 0.84
C GLU C 87 -1.02 -3.90 -0.53
N LEU C 88 -2.15 -3.41 -1.03
CA LEU C 88 -2.68 -3.85 -2.35
C LEU C 88 -1.73 -3.34 -3.42
N ALA C 89 -1.33 -2.07 -3.34
CA ALA C 89 -0.35 -1.51 -4.30
C ALA C 89 0.95 -2.33 -4.27
N ALA C 90 1.41 -2.73 -3.09
CA ALA C 90 2.69 -3.43 -2.94
C ALA C 90 2.60 -4.85 -3.53
N ALA C 91 1.49 -5.55 -3.30
CA ALA C 91 1.26 -6.90 -3.86
C ALA C 91 1.42 -6.82 -5.37
N TYR C 92 0.79 -5.84 -6.02
CA TYR C 92 0.92 -5.73 -7.47
C TYR C 92 2.34 -5.40 -7.92
N ARG C 93 3.04 -4.52 -7.18
N ARG C 93 3.04 -4.54 -7.17
CA ARG C 93 4.45 -4.19 -7.48
CA ARG C 93 4.45 -4.19 -7.51
C ARG C 93 5.25 -5.50 -7.46
C ARG C 93 5.30 -5.46 -7.42
N GLU C 94 5.02 -6.34 -6.47
CA GLU C 94 5.75 -7.63 -6.36
C GLU C 94 5.36 -8.53 -7.54
N VAL C 95 4.12 -8.46 -8.03
CA VAL C 95 3.75 -9.29 -9.22
C VAL C 95 4.59 -8.78 -10.41
N ALA C 96 4.70 -7.47 -10.61
CA ALA C 96 5.48 -6.90 -11.73
C ALA C 96 6.91 -7.37 -11.64
N LYS C 97 7.53 -7.39 -10.45
CA LYS C 97 8.91 -7.89 -10.27
C LYS C 97 8.97 -9.38 -10.66
N GLU C 98 8.02 -10.18 -10.21
CA GLU C 98 8.06 -11.64 -10.48
C GLU C 98 7.90 -11.89 -11.97
N VAL C 99 6.94 -11.23 -12.60
CA VAL C 99 6.76 -11.40 -14.07
C VAL C 99 8.03 -11.01 -14.78
N THR C 100 8.66 -9.90 -14.40
CA THR C 100 9.89 -9.43 -15.06
C THR C 100 11.00 -10.49 -14.86
N ARG C 101 11.14 -10.95 -13.63
CA ARG C 101 12.19 -11.93 -13.25
C ARG C 101 12.06 -13.16 -14.16
N LEU C 102 10.84 -13.61 -14.37
CA LEU C 102 10.61 -14.89 -15.10
C LEU C 102 10.91 -14.74 -16.60
N GLY C 103 10.89 -13.53 -17.15
CA GLY C 103 11.16 -13.34 -18.59
C GLY C 103 9.99 -13.70 -19.47
N VAL C 104 8.81 -13.93 -18.91
CA VAL C 104 7.59 -14.37 -19.65
C VAL C 104 7.11 -13.26 -20.60
N ASN C 105 6.42 -13.65 -21.68
CA ASN C 105 5.87 -12.63 -22.61
C ASN C 105 4.39 -12.40 -22.32
N SER C 106 3.81 -13.14 -21.39
CA SER C 106 2.40 -12.97 -21.04
C SER C 106 2.13 -13.50 -19.65
N VAL C 107 1.08 -12.97 -19.06
CA VAL C 107 0.68 -13.30 -17.67
C VAL C 107 -0.84 -13.21 -17.55
N ALA C 108 -1.48 -14.16 -16.89
CA ALA C 108 -2.90 -14.21 -16.52
C ALA C 108 -3.02 -13.71 -15.09
N ILE C 109 -3.81 -12.65 -14.90
N ILE C 109 -3.90 -12.74 -14.87
CA ILE C 109 -3.95 -11.96 -13.58
CA ILE C 109 -3.93 -12.05 -13.55
C ILE C 109 -5.42 -11.85 -13.20
C ILE C 109 -5.37 -11.76 -13.17
N PRO C 110 -5.75 -12.05 -11.91
CA PRO C 110 -7.05 -11.70 -11.37
C PRO C 110 -6.93 -10.35 -10.63
N LEU C 111 -8.07 -9.73 -10.36
CA LEU C 111 -8.07 -8.44 -9.61
C LEU C 111 -7.95 -8.78 -8.12
N LEU C 112 -6.79 -8.49 -7.58
CA LEU C 112 -6.48 -8.80 -6.18
C LEU C 112 -7.42 -8.03 -5.25
N SER C 113 -7.77 -8.67 -4.13
CA SER C 113 -8.56 -8.11 -3.01
C SER C 113 -9.97 -7.75 -3.48
N THR C 114 -10.59 -8.42 -4.49
CA THR C 114 -11.93 -8.03 -4.96
C THR C 114 -13.06 -9.04 -4.68
N GLY C 115 -12.73 -10.20 -4.15
CA GLY C 115 -13.75 -11.24 -3.86
C GLY C 115 -13.90 -11.37 -2.36
N VAL C 116 -13.52 -12.52 -1.80
CA VAL C 116 -13.58 -12.78 -0.33
C VAL C 116 -12.71 -11.80 0.44
N TYR C 117 -11.75 -11.11 -0.21
CA TYR C 117 -10.82 -10.18 0.47
C TYR C 117 -11.31 -8.75 0.29
N SER C 118 -12.46 -8.55 -0.34
CA SER C 118 -12.98 -7.18 -0.61
C SER C 118 -13.52 -6.48 0.64
N GLY C 119 -13.78 -7.20 1.74
CA GLY C 119 -14.48 -6.60 2.88
C GLY C 119 -15.87 -6.10 2.52
N GLY C 120 -16.51 -6.71 1.52
CA GLY C 120 -17.87 -6.38 1.05
C GLY C 120 -18.01 -5.11 0.20
N LYS C 121 -16.88 -4.54 -0.26
CA LYS C 121 -16.87 -3.30 -1.07
C LYS C 121 -16.54 -3.64 -2.53
N ASP C 122 -17.07 -2.87 -3.46
CA ASP C 122 -16.74 -2.97 -4.91
C ASP C 122 -15.35 -2.37 -5.09
N ARG C 123 -14.31 -3.19 -5.36
CA ARG C 123 -12.93 -2.67 -5.48
C ARG C 123 -12.39 -2.80 -6.90
N LEU C 124 -13.25 -2.88 -7.92
CA LEU C 124 -12.76 -3.03 -9.30
C LEU C 124 -11.79 -1.91 -9.66
N THR C 125 -12.25 -0.64 -9.55
CA THR C 125 -11.42 0.52 -9.94
C THR C 125 -10.13 0.56 -9.13
N GLN C 126 -10.24 0.41 -7.81
CA GLN C 126 -9.06 0.48 -6.93
C GLN C 126 -8.05 -0.61 -7.34
N SER C 127 -8.52 -1.84 -7.43
CA SER C 127 -7.66 -2.99 -7.76
C SER C 127 -7.04 -2.79 -9.16
N LEU C 128 -7.86 -2.42 -10.13
CA LEU C 128 -7.36 -2.24 -11.52
C LEU C 128 -6.37 -1.08 -11.59
N ASN C 129 -6.63 0.01 -10.87
CA ASN C 129 -5.67 1.14 -10.85
C ASN C 129 -4.30 0.65 -10.35
N HIS C 130 -4.27 -0.11 -9.25
CA HIS C 130 -3.00 -0.60 -8.70
C HIS C 130 -2.35 -1.58 -9.69
N LEU C 131 -3.14 -2.38 -10.37
CA LEU C 131 -2.61 -3.32 -11.40
C LEU C 131 -1.88 -2.54 -12.49
N PHE C 132 -2.54 -1.52 -13.03
CA PHE C 132 -1.92 -0.70 -14.08
C PHE C 132 -0.68 0.00 -13.55
N THR C 133 -0.70 0.57 -12.33
CA THR C 133 0.46 1.30 -11.77
C THR C 133 1.67 0.39 -11.78
N ALA C 134 1.48 -0.90 -11.43
CA ALA C 134 2.59 -1.88 -11.33
C ALA C 134 2.98 -2.43 -12.72
N MET C 135 1.98 -2.73 -13.55
CA MET C 135 2.22 -3.50 -14.79
C MET C 135 2.54 -2.59 -15.98
N ASP C 136 2.25 -1.30 -15.91
CA ASP C 136 2.44 -0.46 -17.11
C ASP C 136 3.90 -0.49 -17.55
N SER C 137 4.87 -0.58 -16.63
CA SER C 137 6.29 -0.53 -17.01
C SER C 137 6.82 -1.91 -17.42
N THR C 138 5.99 -2.94 -17.37
CA THR C 138 6.36 -4.28 -17.89
C THR C 138 6.04 -4.41 -19.35
N ASP C 139 6.73 -5.33 -20.05
CA ASP C 139 6.49 -5.56 -21.49
C ASP C 139 5.77 -6.89 -21.72
N ALA C 140 5.25 -7.53 -20.69
CA ALA C 140 4.44 -8.75 -20.88
C ALA C 140 3.04 -8.40 -21.37
N ASP C 141 2.43 -9.23 -22.22
CA ASP C 141 0.99 -9.15 -22.45
C ASP C 141 0.27 -9.51 -21.15
N VAL C 142 -0.63 -8.67 -20.69
CA VAL C 142 -1.38 -8.91 -19.45
C VAL C 142 -2.80 -9.25 -19.81
N VAL C 143 -3.29 -10.38 -19.34
CA VAL C 143 -4.67 -10.83 -19.57
C VAL C 143 -5.37 -10.93 -18.23
N ILE C 144 -6.36 -10.07 -18.00
CA ILE C 144 -7.11 -10.01 -16.73
C ILE C 144 -8.28 -10.97 -16.81
N TYR C 145 -8.44 -11.83 -15.83
CA TYR C 145 -9.53 -12.84 -15.81
C TYR C 145 -10.58 -12.39 -14.81
N CYS C 146 -11.85 -12.38 -15.20
CA CYS C 146 -12.97 -12.08 -14.28
C CYS C 146 -14.11 -13.06 -14.54
N ARG C 147 -15.14 -13.01 -13.69
CA ARG C 147 -16.31 -13.92 -13.74
C ARG C 147 -17.60 -13.16 -14.05
N ASP C 148 -17.71 -11.90 -13.63
CA ASP C 148 -18.96 -11.11 -13.75
C ASP C 148 -18.97 -10.33 -15.06
N LYS C 149 -20.10 -10.38 -15.77
CA LYS C 149 -20.27 -9.78 -17.12
C LYS C 149 -20.17 -8.24 -17.02
N GLU C 150 -20.64 -7.62 -15.94
CA GLU C 150 -20.56 -6.14 -15.77
C GLU C 150 -19.11 -5.75 -15.44
N TRP C 151 -18.39 -6.57 -14.65
CA TRP C 151 -16.94 -6.32 -14.39
C TRP C 151 -16.18 -6.43 -15.71
N GLU C 152 -16.49 -7.44 -16.53
CA GLU C 152 -15.80 -7.57 -17.83
C GLU C 152 -15.93 -6.26 -18.63
N LYS C 153 -17.14 -5.69 -18.67
CA LYS C 153 -17.45 -4.46 -19.43
C LYS C 153 -16.66 -3.28 -18.86
N LYS C 154 -16.71 -3.08 -17.54
CA LYS C 154 -16.02 -1.96 -16.84
C LYS C 154 -14.50 -2.08 -17.06
N ILE C 155 -13.94 -3.29 -16.88
CA ILE C 155 -12.47 -3.49 -17.10
C ILE C 155 -12.12 -3.21 -18.57
N SER C 156 -12.92 -3.70 -19.51
CA SER C 156 -12.67 -3.46 -20.95
C SER C 156 -12.71 -1.95 -21.22
N GLU C 157 -13.72 -1.26 -20.69
CA GLU C 157 -13.86 0.22 -20.85
C GLU C 157 -12.56 0.89 -20.38
N ALA C 158 -12.10 0.53 -19.19
CA ALA C 158 -10.91 1.15 -18.55
C ALA C 158 -9.66 0.92 -19.42
N ILE C 159 -9.51 -0.26 -20.00
CA ILE C 159 -8.34 -0.60 -20.84
C ILE C 159 -8.42 0.29 -22.09
N GLN C 160 -9.58 0.30 -22.73
CA GLN C 160 -9.73 0.96 -24.04
C GLN C 160 -9.55 2.49 -23.89
N MET C 161 -9.96 3.05 -22.75
CA MET C 161 -9.96 4.51 -22.45
C MET C 161 -8.54 5.09 -22.45
N ARG C 162 -7.51 4.24 -22.30
CA ARG C 162 -6.09 4.67 -22.17
C ARG C 162 -5.34 4.49 -23.50
N THR C 163 -5.89 3.72 -24.44
CA THR C 163 -5.25 3.47 -25.77
C THR C 163 -5.31 4.77 -26.59
N PRO D 5 31.27 11.11 -33.21
CA PRO D 5 30.17 11.92 -32.67
C PRO D 5 30.64 12.93 -31.62
N SER D 6 29.91 14.06 -31.52
N SER D 6 29.90 14.04 -31.48
CA SER D 6 30.11 15.14 -30.52
CA SER D 6 30.16 15.13 -30.49
C SER D 6 29.07 14.99 -29.41
C SER D 6 29.02 15.20 -29.47
N TYR D 7 29.36 15.50 -28.20
CA TYR D 7 28.42 15.46 -27.06
C TYR D 7 28.32 16.84 -26.43
N ARG D 8 27.08 17.27 -26.16
CA ARG D 8 26.74 18.45 -25.35
C ARG D 8 25.61 18.12 -24.40
N VAL D 9 25.41 18.97 -23.41
CA VAL D 9 24.29 18.84 -22.45
C VAL D 9 23.57 20.18 -22.38
N LYS D 10 22.25 20.12 -22.33
CA LYS D 10 21.41 21.32 -22.15
C LYS D 10 20.47 21.02 -20.97
N ARG D 11 20.28 22.01 -20.08
CA ARG D 11 19.30 21.94 -18.97
C ARG D 11 18.00 22.57 -19.47
N MET D 12 17.18 21.75 -20.12
N MET D 12 17.27 21.84 -20.33
CA MET D 12 16.13 22.25 -21.05
CA MET D 12 16.09 22.34 -21.07
C MET D 12 15.10 21.15 -21.27
C MET D 12 15.12 21.20 -21.29
N ASP D 13 13.85 21.53 -21.53
CA ASP D 13 12.79 20.55 -21.87
C ASP D 13 13.15 19.92 -23.22
N ILE D 14 13.36 18.61 -23.26
CA ILE D 14 13.73 17.92 -24.52
C ILE D 14 12.64 18.12 -25.59
N ALA D 15 11.42 18.45 -25.17
CA ALA D 15 10.29 18.71 -26.10
C ALA D 15 10.58 20.01 -26.86
N LYS D 16 11.58 20.80 -26.44
CA LYS D 16 11.95 22.06 -27.13
C LYS D 16 13.36 21.94 -27.73
N ASN D 17 13.81 20.74 -28.06
CA ASN D 17 15.17 20.51 -28.56
C ASN D 17 15.40 21.17 -29.93
N ASP D 18 16.66 21.36 -30.26
CA ASP D 18 17.11 22.02 -31.51
C ASP D 18 17.80 20.98 -32.39
N GLU D 19 17.46 19.71 -32.29
CA GLU D 19 18.12 18.67 -33.07
C GLU D 19 17.17 18.05 -34.11
N GLU D 20 17.70 17.22 -34.99
CA GLU D 20 16.94 16.66 -36.15
C GLU D 20 16.00 15.54 -35.72
N CYS D 21 16.15 14.99 -34.51
CA CYS D 21 15.26 13.92 -34.02
C CYS D 21 15.40 13.85 -32.51
N VAL D 22 14.46 13.13 -31.90
CA VAL D 22 14.36 13.09 -30.42
C VAL D 22 14.23 11.63 -30.02
N VAL D 23 14.87 11.32 -28.90
CA VAL D 23 14.68 10.01 -28.24
C VAL D 23 13.72 10.19 -27.07
N ASN D 24 12.66 9.41 -27.07
CA ASN D 24 11.68 9.39 -25.98
C ASN D 24 12.15 8.38 -24.95
N ALA D 25 12.06 8.73 -23.67
CA ALA D 25 12.18 7.75 -22.56
C ALA D 25 10.82 7.09 -22.37
N ALA D 26 10.54 6.15 -23.27
CA ALA D 26 9.22 5.55 -23.48
C ALA D 26 8.91 4.45 -22.47
N ASN D 27 7.65 4.15 -22.32
CA ASN D 27 7.22 2.93 -21.61
C ASN D 27 6.93 1.87 -22.66
N PRO D 28 6.89 0.59 -22.29
CA PRO D 28 6.71 -0.44 -23.30
C PRO D 28 5.36 -0.42 -24.01
N ARG D 29 4.37 0.21 -23.41
CA ARG D 29 2.94 0.16 -23.87
C ARG D 29 2.62 1.32 -24.79
N GLY D 30 3.53 2.27 -25.00
CA GLY D 30 3.23 3.47 -25.79
C GLY D 30 2.20 4.32 -25.11
N LEU D 31 2.13 4.30 -23.77
CA LEU D 31 1.23 5.18 -23.01
C LEU D 31 1.87 6.56 -22.88
N PRO D 32 1.06 7.62 -22.63
CA PRO D 32 1.59 8.98 -22.44
C PRO D 32 2.61 9.09 -21.29
N GLY D 33 2.39 8.34 -20.22
CA GLY D 33 3.40 8.25 -19.14
C GLY D 33 3.54 9.51 -18.32
N ASP D 34 4.75 9.74 -17.78
CA ASP D 34 5.11 10.97 -17.01
C ASP D 34 6.54 11.37 -17.38
N GLY D 35 7.01 12.49 -16.83
CA GLY D 35 8.35 13.01 -17.09
C GLY D 35 8.54 13.33 -18.58
N VAL D 36 9.72 12.96 -19.09
CA VAL D 36 10.09 13.13 -20.53
C VAL D 36 8.95 12.58 -21.39
N CYS D 37 8.44 11.39 -21.09
CA CYS D 37 7.45 10.71 -21.95
C CYS D 37 6.20 11.58 -22.12
N LYS D 38 5.73 12.19 -21.03
CA LYS D 38 4.49 13.01 -21.08
C LYS D 38 4.76 14.30 -21.88
N ALA D 39 5.96 14.88 -21.78
CA ALA D 39 6.34 16.09 -22.55
C ALA D 39 6.42 15.73 -24.05
N VAL D 40 6.94 14.56 -24.35
CA VAL D 40 7.06 14.03 -25.73
C VAL D 40 5.62 13.78 -26.22
N TYR D 41 4.74 13.24 -25.38
CA TYR D 41 3.35 12.99 -25.79
C TYR D 41 2.64 14.31 -26.07
N LYS D 42 2.88 15.34 -25.28
CA LYS D 42 2.20 16.64 -25.51
C LYS D 42 2.70 17.28 -26.81
N LYS D 43 3.99 17.13 -27.09
CA LYS D 43 4.62 17.84 -28.24
C LYS D 43 4.41 17.07 -29.54
N TRP D 44 4.54 15.73 -29.52
CA TRP D 44 4.50 14.89 -30.73
C TRP D 44 3.50 13.74 -30.54
N PRO D 45 2.21 13.99 -30.22
CA PRO D 45 1.28 12.90 -29.92
C PRO D 45 1.12 11.91 -31.06
N GLU D 46 1.23 12.35 -32.33
CA GLU D 46 1.08 11.46 -33.50
C GLU D 46 2.14 10.38 -33.48
N SER D 47 3.29 10.60 -32.81
CA SER D 47 4.39 9.62 -32.79
C SER D 47 4.06 8.45 -31.86
N PHE D 48 2.94 8.48 -31.16
CA PHE D 48 2.54 7.33 -30.29
C PHE D 48 1.65 6.30 -31.00
N LYS D 49 1.44 6.45 -32.31
CA LYS D 49 0.72 5.46 -33.13
C LYS D 49 1.56 4.19 -33.23
N ASN D 50 1.14 3.11 -32.57
CA ASN D 50 1.89 1.83 -32.60
C ASN D 50 3.35 2.04 -32.18
N SER D 51 3.56 2.83 -31.12
CA SER D 51 4.91 3.06 -30.53
C SER D 51 5.28 1.95 -29.55
N ALA D 52 4.32 1.15 -29.09
CA ALA D 52 4.57 0.08 -28.08
C ALA D 52 5.71 -0.80 -28.59
N THR D 53 6.65 -1.17 -27.69
CA THR D 53 7.83 -1.93 -28.08
C THR D 53 8.41 -2.49 -26.78
N PRO D 54 9.12 -3.62 -26.83
CA PRO D 54 9.56 -4.21 -25.59
C PRO D 54 10.71 -3.43 -24.92
N VAL D 55 10.92 -3.78 -23.66
CA VAL D 55 12.11 -3.29 -22.91
C VAL D 55 13.38 -3.62 -23.67
N GLY D 56 14.31 -2.69 -23.72
CA GLY D 56 15.62 -2.85 -24.37
C GLY D 56 15.56 -2.66 -25.87
N THR D 57 14.45 -2.12 -26.38
CA THR D 57 14.28 -1.82 -27.82
C THR D 57 13.99 -0.35 -28.07
N ALA D 58 14.19 0.03 -29.33
CA ALA D 58 13.79 1.37 -29.80
C ALA D 58 12.89 1.22 -31.04
N LYS D 59 11.84 2.02 -31.09
CA LYS D 59 10.92 2.02 -32.24
C LYS D 59 10.70 3.48 -32.64
N THR D 60 11.00 3.76 -33.90
CA THR D 60 10.90 5.13 -34.46
C THR D 60 9.55 5.33 -35.11
N VAL D 61 8.86 6.37 -34.70
CA VAL D 61 7.58 6.80 -35.32
C VAL D 61 7.73 8.28 -35.67
N MET D 62 7.34 8.63 -36.89
CA MET D 62 7.39 10.02 -37.36
C MET D 62 6.21 10.82 -36.80
N CYS D 63 6.49 12.06 -36.48
CA CYS D 63 5.46 13.08 -36.25
C CYS D 63 5.66 14.10 -37.38
N GLY D 64 4.81 14.07 -38.41
CA GLY D 64 5.18 14.79 -39.64
C GLY D 64 6.37 14.11 -40.26
N THR D 65 7.46 14.83 -40.42
CA THR D 65 8.74 14.26 -40.88
C THR D 65 9.74 14.25 -39.71
N TYR D 66 9.31 14.56 -38.50
CA TYR D 66 10.22 14.63 -37.33
C TYR D 66 10.24 13.25 -36.65
N PRO D 67 11.41 12.56 -36.60
CA PRO D 67 11.47 11.22 -36.01
C PRO D 67 11.53 11.25 -34.48
N VAL D 68 10.65 10.46 -33.89
CA VAL D 68 10.62 10.23 -32.42
C VAL D 68 11.06 8.78 -32.25
N ILE D 69 12.21 8.61 -31.60
CA ILE D 69 12.81 7.26 -31.39
C ILE D 69 12.37 6.86 -29.98
N HIS D 70 11.34 6.03 -29.85
CA HIS D 70 10.82 5.58 -28.54
C HIS D 70 11.78 4.51 -28.01
N ALA D 71 12.54 4.83 -26.98
CA ALA D 71 13.53 3.88 -26.41
C ALA D 71 13.04 3.45 -25.05
N VAL D 72 12.93 2.14 -24.85
CA VAL D 72 12.34 1.62 -23.60
C VAL D 72 13.47 1.11 -22.68
N GLY D 73 13.88 1.94 -21.76
CA GLY D 73 14.83 1.50 -20.74
C GLY D 73 14.10 0.66 -19.73
N PRO D 74 14.84 -0.21 -18.99
CA PRO D 74 14.21 -0.99 -17.97
C PRO D 74 13.81 -0.18 -16.74
N ASN D 75 12.73 -0.60 -16.11
CA ASN D 75 12.32 -0.06 -14.80
C ASN D 75 13.06 -0.88 -13.74
N PHE D 76 14.04 -0.26 -13.09
CA PHE D 76 14.80 -0.96 -12.03
C PHE D 76 13.97 -1.25 -10.77
N SER D 77 12.74 -0.79 -10.62
CA SER D 77 11.82 -1.37 -9.62
C SER D 77 11.48 -2.83 -9.96
N ASN D 78 11.54 -3.22 -11.24
CA ASN D 78 11.10 -4.56 -11.68
C ASN D 78 12.28 -5.48 -11.95
N TYR D 79 13.36 -4.95 -12.51
CA TYR D 79 14.54 -5.70 -12.98
C TYR D 79 15.56 -5.75 -11.85
N THR D 80 16.28 -6.84 -11.76
CA THR D 80 17.52 -6.86 -10.95
C THR D 80 18.55 -5.90 -11.50
N GLU D 81 19.55 -5.54 -10.69
CA GLU D 81 20.67 -4.72 -11.20
C GLU D 81 21.33 -5.38 -12.42
N SER D 82 21.56 -6.69 -12.38
CA SER D 82 22.25 -7.42 -13.45
C SER D 82 21.39 -7.38 -14.73
N GLU D 83 20.13 -7.82 -14.64
CA GLU D 83 19.30 -7.93 -15.87
C GLU D 83 18.98 -6.53 -16.41
N GLY D 84 18.77 -5.58 -15.52
CA GLY D 84 18.49 -4.17 -15.89
C GLY D 84 19.67 -3.56 -16.60
N ASP D 85 20.87 -3.79 -16.09
CA ASP D 85 22.06 -3.24 -16.75
C ASP D 85 22.12 -3.66 -18.22
N ARG D 86 21.85 -4.93 -18.51
CA ARG D 86 21.90 -5.50 -19.88
C ARG D 86 20.82 -4.79 -20.73
N GLU D 87 19.64 -4.59 -20.18
CA GLU D 87 18.51 -4.00 -20.95
C GLU D 87 18.78 -2.51 -21.18
N LEU D 88 19.45 -1.82 -20.27
CA LEU D 88 19.74 -0.39 -20.43
C LEU D 88 20.76 -0.25 -21.54
N ALA D 89 21.83 -1.06 -21.54
CA ALA D 89 22.80 -1.12 -22.64
C ALA D 89 22.07 -1.35 -23.96
N ALA D 90 21.15 -2.31 -23.97
CA ALA D 90 20.46 -2.73 -25.23
C ALA D 90 19.60 -1.57 -25.76
N ALA D 91 18.88 -0.90 -24.88
CA ALA D 91 18.01 0.23 -25.31
C ALA D 91 18.89 1.28 -26.02
N TYR D 92 20.01 1.65 -25.44
CA TYR D 92 20.90 2.64 -26.09
C TYR D 92 21.51 2.11 -27.38
N ARG D 93 21.92 0.85 -27.42
CA ARG D 93 22.41 0.17 -28.65
C ARG D 93 21.37 0.34 -29.77
N GLU D 94 20.10 0.09 -29.47
CA GLU D 94 19.02 0.16 -30.47
C GLU D 94 18.76 1.63 -30.88
N VAL D 95 18.87 2.58 -29.95
CA VAL D 95 18.84 4.03 -30.30
C VAL D 95 19.93 4.35 -31.33
N ALA D 96 21.18 3.97 -31.07
CA ALA D 96 22.33 4.26 -31.95
C ALA D 96 22.04 3.71 -33.36
N LYS D 97 21.50 2.49 -33.44
CA LYS D 97 21.20 1.81 -34.71
C LYS D 97 20.13 2.60 -35.48
N GLU D 98 19.13 3.13 -34.78
CA GLU D 98 18.08 3.99 -35.41
C GLU D 98 18.66 5.35 -35.87
N VAL D 99 19.48 6.01 -35.04
CA VAL D 99 20.11 7.31 -35.39
C VAL D 99 20.90 7.11 -36.70
N THR D 100 21.70 6.05 -36.77
CA THR D 100 22.52 5.74 -37.98
C THR D 100 21.58 5.51 -39.16
N ARG D 101 20.55 4.67 -38.98
CA ARG D 101 19.63 4.26 -40.09
C ARG D 101 18.92 5.49 -40.64
N LEU D 102 18.52 6.40 -39.77
CA LEU D 102 17.80 7.64 -40.17
C LEU D 102 18.74 8.63 -40.88
N GLY D 103 20.05 8.54 -40.67
CA GLY D 103 21.06 9.41 -41.30
C GLY D 103 20.99 10.84 -40.82
N VAL D 104 20.44 11.08 -39.64
CA VAL D 104 20.33 12.44 -39.06
C VAL D 104 21.72 12.98 -38.74
N ASN D 105 21.85 14.29 -38.63
CA ASN D 105 23.09 14.96 -38.23
C ASN D 105 23.13 15.12 -36.71
N SER D 106 21.98 15.09 -36.04
CA SER D 106 21.90 15.41 -34.60
C SER D 106 20.73 14.69 -33.97
N VAL D 107 20.84 14.47 -32.67
CA VAL D 107 19.80 13.75 -31.89
C VAL D 107 19.78 14.33 -30.49
N ALA D 108 18.58 14.58 -29.99
CA ALA D 108 18.27 14.99 -28.61
C ALA D 108 17.97 13.72 -27.83
N ILE D 109 18.63 13.54 -26.69
N ILE D 109 18.70 13.50 -26.72
CA ILE D 109 18.54 12.24 -25.95
CA ILE D 109 18.59 12.25 -25.93
C ILE D 109 18.48 12.49 -24.45
C ILE D 109 18.42 12.58 -24.44
N PRO D 110 17.54 11.85 -23.72
CA PRO D 110 17.50 11.93 -22.27
C PRO D 110 18.30 10.77 -21.68
N LEU D 111 18.59 10.83 -20.38
CA LEU D 111 19.24 9.69 -19.67
C LEU D 111 18.17 8.67 -19.27
N LEU D 112 18.14 7.56 -20.04
CA LEU D 112 17.18 6.49 -19.84
C LEU D 112 17.32 5.88 -18.45
N SER D 113 16.20 5.55 -17.86
CA SER D 113 16.10 4.78 -16.59
C SER D 113 16.60 5.60 -15.40
N THR D 114 16.67 6.94 -15.51
CA THR D 114 17.21 7.80 -14.41
C THR D 114 16.13 8.53 -13.61
N GLY D 115 14.87 8.47 -14.01
CA GLY D 115 13.76 9.10 -13.29
C GLY D 115 12.93 8.06 -12.56
N VAL D 116 11.64 7.94 -12.88
CA VAL D 116 10.73 6.98 -12.19
C VAL D 116 11.10 5.52 -12.55
N TYR D 117 11.99 5.26 -13.53
CA TYR D 117 12.50 3.88 -13.79
C TYR D 117 13.80 3.63 -13.01
N SER D 118 14.24 4.54 -12.14
CA SER D 118 15.58 4.38 -11.49
C SER D 118 15.53 3.45 -10.29
N GLY D 119 14.36 3.01 -9.82
CA GLY D 119 14.23 2.17 -8.61
C GLY D 119 14.77 2.93 -7.40
N GLY D 120 14.63 4.26 -7.41
CA GLY D 120 14.99 5.15 -6.30
C GLY D 120 16.50 5.38 -6.17
N LYS D 121 17.28 4.96 -7.16
CA LYS D 121 18.76 5.02 -7.12
C LYS D 121 19.24 6.07 -8.10
N ASP D 122 20.38 6.70 -7.79
CA ASP D 122 21.03 7.69 -8.69
C ASP D 122 21.77 6.90 -9.76
N ARG D 123 21.26 6.97 -11.01
CA ARG D 123 21.82 6.23 -12.15
C ARG D 123 22.42 7.16 -13.22
N LEU D 124 22.77 8.39 -12.87
CA LEU D 124 23.40 9.31 -13.84
C LEU D 124 24.61 8.65 -14.50
N THR D 125 25.62 8.16 -13.74
CA THR D 125 26.87 7.64 -14.32
C THR D 125 26.58 6.37 -15.16
N GLN D 126 25.76 5.50 -14.63
CA GLN D 126 25.41 4.22 -15.28
C GLN D 126 24.74 4.53 -16.62
N SER D 127 23.73 5.38 -16.57
CA SER D 127 22.96 5.69 -17.82
C SER D 127 23.87 6.38 -18.85
N LEU D 128 24.64 7.38 -18.41
CA LEU D 128 25.56 8.13 -19.28
C LEU D 128 26.62 7.19 -19.84
N ASN D 129 27.11 6.22 -19.06
CA ASN D 129 28.15 5.31 -19.59
C ASN D 129 27.59 4.46 -20.71
N HIS D 130 26.38 3.94 -20.60
CA HIS D 130 25.76 3.15 -21.69
C HIS D 130 25.48 4.06 -22.91
N LEU D 131 25.05 5.29 -22.65
CA LEU D 131 24.78 6.30 -23.72
C LEU D 131 26.06 6.49 -24.54
N PHE D 132 27.19 6.74 -23.87
CA PHE D 132 28.46 7.01 -24.61
C PHE D 132 28.84 5.76 -25.40
N THR D 133 28.76 4.59 -24.77
CA THR D 133 29.19 3.35 -25.43
C THR D 133 28.42 3.14 -26.74
N ALA D 134 27.11 3.33 -26.68
CA ALA D 134 26.24 3.17 -27.86
C ALA D 134 26.50 4.27 -28.87
N MET D 135 26.47 5.53 -28.43
CA MET D 135 26.38 6.65 -29.40
C MET D 135 27.75 6.92 -29.98
N ASP D 136 28.83 6.44 -29.35
CA ASP D 136 30.19 6.55 -29.95
C ASP D 136 30.25 5.86 -31.32
N SER D 137 29.36 4.90 -31.61
CA SER D 137 29.35 4.15 -32.90
C SER D 137 28.64 4.97 -33.98
N THR D 138 28.04 6.11 -33.64
CA THR D 138 27.40 7.02 -34.64
C THR D 138 28.36 8.18 -34.95
N ASP D 139 28.01 9.02 -35.93
CA ASP D 139 28.76 10.27 -36.26
C ASP D 139 27.88 11.50 -35.97
N ALA D 140 26.75 11.32 -35.29
CA ALA D 140 25.76 12.39 -35.04
C ALA D 140 26.23 13.27 -33.89
N ASP D 141 25.87 14.55 -33.95
CA ASP D 141 25.94 15.45 -32.78
C ASP D 141 24.88 14.96 -31.81
N VAL D 142 25.31 14.63 -30.59
CA VAL D 142 24.39 14.16 -29.54
C VAL D 142 24.22 15.29 -28.53
N VAL D 143 23.00 15.62 -28.21
CA VAL D 143 22.67 16.64 -27.22
C VAL D 143 21.81 15.98 -26.15
N ILE D 144 22.38 15.88 -24.96
CA ILE D 144 21.73 15.29 -23.78
C ILE D 144 20.91 16.34 -23.07
N TYR D 145 19.66 16.04 -22.74
CA TYR D 145 18.76 17.00 -22.07
C TYR D 145 18.52 16.54 -20.64
N CYS D 146 18.64 17.45 -19.66
CA CYS D 146 18.37 17.20 -18.23
C CYS D 146 17.57 18.37 -17.64
N ARG D 147 17.05 18.21 -16.42
CA ARG D 147 16.20 19.19 -15.70
C ARG D 147 17.01 19.92 -14.61
N ASP D 148 17.96 19.21 -14.01
CA ASP D 148 18.60 19.58 -12.72
C ASP D 148 19.98 20.23 -12.95
N LYS D 149 20.30 21.31 -12.24
CA LYS D 149 21.60 22.02 -12.40
C LYS D 149 22.78 21.12 -12.01
N GLU D 150 22.64 20.32 -10.95
CA GLU D 150 23.76 19.46 -10.48
C GLU D 150 23.97 18.35 -11.50
N TRP D 151 22.88 17.82 -12.08
CA TRP D 151 23.02 16.79 -13.14
C TRP D 151 23.64 17.41 -14.38
N GLU D 152 23.21 18.62 -14.75
CA GLU D 152 23.83 19.37 -15.88
C GLU D 152 25.35 19.42 -15.69
N LYS D 153 25.79 19.86 -14.50
CA LYS D 153 27.23 20.00 -14.16
C LYS D 153 27.92 18.64 -14.26
N LYS D 154 27.34 17.61 -13.65
CA LYS D 154 27.88 16.22 -13.61
C LYS D 154 28.00 15.68 -15.05
N ILE D 155 26.97 15.88 -15.87
CA ILE D 155 26.96 15.41 -17.28
C ILE D 155 28.06 16.14 -18.05
N SER D 156 28.15 17.47 -17.90
CA SER D 156 29.17 18.30 -18.56
C SER D 156 30.57 17.83 -18.18
N GLU D 157 30.82 17.59 -16.88
CA GLU D 157 32.15 17.08 -16.42
C GLU D 157 32.44 15.73 -17.06
N ALA D 158 31.45 14.84 -17.12
CA ALA D 158 31.65 13.51 -17.74
C ALA D 158 32.01 13.68 -19.23
N ILE D 159 31.38 14.62 -19.94
CA ILE D 159 31.73 14.87 -21.36
C ILE D 159 33.18 15.36 -21.44
N GLN D 160 33.53 16.35 -20.61
CA GLN D 160 34.87 17.01 -20.58
C GLN D 160 35.95 15.97 -20.24
N MET D 161 35.64 15.01 -19.37
CA MET D 161 36.62 14.02 -18.84
C MET D 161 37.00 12.99 -19.92
N ARG D 162 36.16 12.80 -20.94
CA ARG D 162 36.40 11.84 -22.06
C ARG D 162 37.43 12.39 -23.04
N THR D 163 37.63 13.72 -23.06
CA THR D 163 38.52 14.43 -24.01
C THR D 163 39.96 14.30 -23.53
S DMS E . 4.24 3.89 6.84
O DMS E . 3.79 4.59 5.57
C1 DMS E . 3.58 4.81 8.19
C2 DMS E . 5.95 4.34 7.08
S DMS F . 0.47 22.95 11.90
O DMS F . 0.80 22.72 10.45
C1 DMS F . 0.65 21.38 12.68
C2 DMS F . -1.30 23.07 11.97
S DMS G . -4.87 20.07 23.41
O DMS G . -5.65 20.49 22.20
C1 DMS G . -5.94 19.07 24.39
C2 DMS G . -4.85 21.48 24.48
C TRS H . -8.85 32.68 1.39
C1 TRS H . -9.96 31.69 1.76
C2 TRS H . -7.83 32.04 0.45
C3 TRS H . -9.46 33.93 0.77
N TRS H . -8.14 33.06 2.66
O1 TRS H . -10.84 32.21 2.74
O2 TRS H . -8.05 32.37 -0.91
O3 TRS H . -8.48 34.73 0.11
S DMS I . -8.21 14.62 -6.28
O DMS I . -9.28 14.15 -5.34
C1 DMS I . -6.66 14.34 -5.48
C2 DMS I . -8.20 16.39 -6.18
S DMS J . -18.21 9.51 20.67
O DMS J . -18.17 8.43 19.71
C1 DMS J . -17.93 8.72 22.26
C2 DMS J . -19.89 10.08 20.86
CL CL K . -3.31 23.18 14.95
CL CL L . -6.72 16.84 21.71
CL CL M . -2.62 5.83 19.15
N1 HVK N . -3.88 12.40 15.68
C2 HVK N . -2.62 12.85 15.90
C3 HVK N . -2.36 13.98 16.70
C4 HVK N . -3.44 14.65 17.25
C5 HVK N . -4.72 14.20 17.03
C6 HVK N . -4.89 13.07 16.25
N HVK N . -1.60 12.18 15.30
S DMS O . -4.65 6.87 23.20
O DMS O . -3.94 8.10 22.63
C1 DMS O . -4.80 5.72 21.83
C2 DMS O . -3.47 5.92 24.15
S DMS P . 0.96 3.51 -3.15
O DMS P . -0.11 3.16 -2.14
C1 DMS P . 2.54 3.24 -2.38
C2 DMS P . 1.07 5.28 -3.20
S DMS Q . 5.06 -12.93 22.99
O DMS Q . 3.65 -13.04 23.55
C1 DMS Q . 5.00 -11.69 21.76
C2 DMS Q . 5.30 -14.33 21.91
S DMS R . 4.31 -7.71 26.83
O DMS R . 3.34 -6.56 26.82
C1 DMS R . 3.47 -9.05 27.63
C2 DMS R . 5.40 -7.31 28.16
S DMS S . 10.75 -17.28 21.44
O DMS S . 9.34 -17.24 21.94
C1 DMS S . 10.75 -18.39 20.04
C2 DMS S . 11.67 -18.28 22.57
CL CL T . 7.18 -17.52 18.55
CL CL U . 5.15 -12.52 26.85
N1 HVK V . 2.34 -11.73 16.29
N1 HVK V . 2.70 -13.24 16.61
C2 HVK V . 3.26 -10.84 16.73
C2 HVK V . 3.85 -13.34 17.32
C3 HVK V . 4.36 -11.23 17.53
C3 HVK V . 4.66 -12.22 17.58
C4 HVK V . 4.48 -12.56 17.88
C4 HVK V . 4.22 -10.98 17.13
C5 HVK V . 3.54 -13.48 17.44
C5 HVK V . 3.04 -10.87 16.45
C6 HVK V . 2.50 -13.02 16.65
C6 HVK V . 2.31 -12.03 16.22
N HVK V . 3.10 -9.55 16.35
N HVK V . 4.15 -14.55 17.83
N1 HVK W . 5.88 -13.68 12.37
C2 HVK W . 6.75 -12.84 11.77
C3 HVK W . 6.82 -11.47 12.15
C4 HVK W . 5.97 -11.01 13.13
C5 HVK W . 5.08 -11.87 13.74
C6 HVK W . 5.08 -13.19 13.33
N HVK W . 7.54 -13.33 10.83
CL CL X . -15.52 -10.66 -11.39
CL CL Y . 1.50 -11.88 6.67
CL CL Z . -9.93 -11.92 -3.12
S DMS AA . -5.97 -31.19 -13.09
O DMS AA . -4.68 -30.67 -12.44
C1 DMS AA . -6.83 -29.82 -13.77
C2 DMS AA . -7.10 -31.59 -11.76
S DMS BA . -8.54 -15.77 -1.14
O DMS BA . -7.24 -15.08 -1.44
C1 DMS BA . -8.14 -17.45 -0.77
C2 DMS BA . -9.34 -16.00 -2.72
S DMS CA . -17.08 -9.44 -7.41
O DMS CA . -17.72 -9.59 -8.78
C1 DMS CA . -15.76 -10.60 -7.39
C2 DMS CA . -18.15 -10.26 -6.27
S DMS DA . -18.97 -6.21 -3.96
O DMS DA . -19.08 -6.21 -5.46
C1 DMS DA . -19.34 -7.86 -3.43
C2 DMS DA . -20.44 -5.41 -3.36
S DMS EA . 2.14 21.56 -29.10
O DMS EA . 3.43 21.49 -28.32
C1 DMS EA . 0.85 21.10 -27.96
C2 DMS EA . 2.07 20.13 -30.19
S DMS FA . 8.47 6.69 -17.74
O DMS FA . 7.54 7.15 -18.82
C1 DMS FA . 9.10 8.16 -16.98
C2 DMS FA . 9.96 6.15 -18.54
S DMS GA . 10.35 4.85 -39.56
O DMS GA . 11.56 5.71 -39.28
C1 DMS GA . 8.98 5.59 -38.71
C2 DMS GA . 10.52 3.39 -38.55
CL CL HA . 18.38 15.66 -14.59
CL CL IA . 12.97 7.10 -16.40
N1 HVK JA . 12.91 22.83 -17.63
C2 HVK JA . 13.79 21.83 -17.84
C3 HVK JA . 13.37 20.52 -18.15
C4 HVK JA . 12.00 20.27 -18.21
C5 HVK JA . 11.11 21.30 -17.98
C6 HVK JA . 11.60 22.55 -17.69
N HVK JA . 15.10 22.12 -17.69
N1 HVK KA . 13.17 17.22 -20.66
C2 HVK KA . 12.04 17.04 -19.94
C3 HVK KA . 12.06 16.41 -18.67
C4 HVK KA . 13.28 15.95 -18.18
C5 HVK KA . 14.43 16.15 -18.91
C6 HVK KA . 14.33 16.79 -20.13
N HVK KA . 10.89 17.49 -20.47
#